data_7PEX
#
_entry.id   7PEX
#
_cell.length_a   1.00
_cell.length_b   1.00
_cell.length_c   1.00
_cell.angle_alpha   90.00
_cell.angle_beta   90.00
_cell.angle_gamma   90.00
#
_symmetry.space_group_name_H-M   'P 1'
#
loop_
_entity.id
_entity.type
_entity.pdbx_description
1 polymer 'Histone H3.2'
2 polymer 'Histone H4'
3 polymer 'Histone H2A type 1-B/E'
4 polymer 'Histone H2B type 1-K'
5 polymer 'DNA (177-MER)'
6 polymer 'DNA (177-MER)'
7 polymer 'Histone H1.4'
#
loop_
_entity_poly.entity_id
_entity_poly.type
_entity_poly.pdbx_seq_one_letter_code
_entity_poly.pdbx_strand_id
1 'polypeptide(L)'
;MARTKQTARKSTGGKAPRKQLATKAARKSAPATGGVKKPHRYRPGTVALREIRRYQKSTELLIRKLPFQRLVREIAQDFK
TDLRFQSSAVMALQEASEAYLVGLFEDTNLAAIHAKRVTIMPKDIQLARRIRGERA
;
a,e
2 'polypeptide(L)'
;MSGRGKGGKGLGKGGAKRHRKVLRDNIQGITKPAIRRLARRGGVKRISGLIYEETRGVLKVFLENVIRDAVTYTEHAKRK
TVTAMDVVYALKRQGRTLYGFGG
;
b,f
3 'polypeptide(L)'
;HHHHHHENLYFQSNAPWMSGRGKQGGKARAKAKTRSSRAGLQFPVGRVHRLLRKGNYSERVGAGAPVYLAAVLEYLTAEI
LELAGNAARDNKKTRIIPRHLQLAIRNDEELNKLLGRVTIAQGGVLPNIQAVLLPKKTESHHKAKGK
;
c,g
4 'polypeptide(L)'
;MPEPAKSAPAPKKGSKKAVTKAQKKDGKKRKRSRKESYSVYVYKVLKQVHPDTGISSKAMGIMNSFVNDIFERIAGEASR
LAHYNKRSTITSREIQTAVRLLLPGELAKHAVSEGTKAVTKYTSAK
;
d,h
5 'polydeoxyribonucleotide'
;(DG)(DG)(DG)(DT)(DC)(DC)(DG)(DG)(DC)(DA)(DC)(DT)(DG)(DG)(DA)(DA)(DC)(DA)(DG)(DG)
(DA)(DT)(DG)(DT)(DA)(DT)(DA)(DT)(DA)(DT)(DG)(DT)(DG)(DA)(DC)(DA)(DC)(DG)(DT)(DG)
(DC)(DC)(DT)(DG)(DG)(DA)(DG)(DA)(DC)(DT)(DA)(DG)(DG)(DG)(DA)(DG)(DT)(DA)(DA)(DT)
(DC)(DC)(DC)(DC)(DT)(DT)(DG)(DG)(DC)(DG)(DG)(DT)(DT)(DA)(DA)(DA)(DA)(DC)(DG)(DC)
(DG)(DG)(DG)(DG)(DG)(DA)(DC)(DA)(DG)(DC)(DG)(DC)(DG)(DT)(DA)(DC)(DG)(DT)(DG)(DC)
(DG)(DT)(DT)(DT)(DA)(DA)(DG)(DC)(DG)(DG)(DT)(DG)(DC)(DT)(DA)(DG)(DA)(DG)(DC)(DT)
(DG)(DT)(DC)(DT)(DA)(DC)(DG)(DA)(DC)(DC)(DA)(DA)(DT)(DT)(DG)(DA)(DG)(DC)(DG)(DG)
(DC)(DC)(DT)(DC)(DG)(DG)(DC)(DA)(DC)(DC)(DG)(DG)(DG)(DA)(DT)(DT)(DC)(DT)(DC)(DC)
(DA)(DG)(DG)(DG)(DG)(DA)(DT)(DC)(DC)(DG)(DG)(DA)(DT)(DG)(DC)(DT)(DC)
;
J
6 'polydeoxyribonucleotide'
;(DG)(DA)(DG)(DC)(DA)(DT)(DC)(DC)(DG)(DG)(DA)(DT)(DC)(DC)(DC)(DC)(DT)(DG)(DG)(DA)
(DG)(DA)(DA)(DT)(DC)(DC)(DC)(DG)(DG)(DT)(DG)(DC)(DC)(DG)(DA)(DG)(DG)(DC)(DC)(DG)
(DC)(DT)(DC)(DA)(DA)(DT)(DT)(DG)(DG)(DT)(DC)(DG)(DT)(DA)(DG)(DA)(DC)(DA)(DG)(DC)
(DT)(DC)(DT)(DA)(DG)(DC)(DA)(DC)(DC)(DG)(DC)(DT)(DT)(DA)(DA)(DA)(DC)(DG)(DC)(DA)
(DC)(DG)(DT)(DA)(DC)(DG)(DC)(DG)(DC)(DT)(DG)(DT)(DC)(DC)(DC)(DC)(DC)(DG)(DC)(DG)
(DT)(DT)(DT)(DT)(DA)(DA)(DC)(DC)(DG)(DC)(DC)(DA)(DA)(DG)(DG)(DG)(DG)(DA)(DT)(DT)
(DA)(DC)(DT)(DC)(DC)(DC)(DT)(DA)(DG)(DT)(DC)(DT)(DC)(DC)(DA)(DG)(DG)(DC)(DA)(DC)
(DG)(DT)(DG)(DT)(DC)(DA)(DC)(DA)(DT)(DA)(DT)(DA)(DT)(DA)(DC)(DA)(DT)(DC)(DC)(DT)
(DG)(DT)(DT)(DC)(DC)(DA)(DG)(DT)(DG)(DC)(DC)(DG)(DG)(DA)(DC)(DC)(DC)
;
I
7 'polypeptide(L)'
;SETAPAAPAAPAPAEKTPVKKKARKSAGAAKRKASGPPVSELITKAVAASKERSGVSLAALKKALAAAGYDVEKNNSRIK
LGLKSLVSKGTLVQTKGTGASGSFKLNKKAASGEAKPKAKKAGAAKAKKPAGAAKKPKKATGAATPKKSAKKTPKKAKKP
AAAAGAKKAKSPKKAKAAKPKKAPKSPAKAKAVKPKAAKPKTAKPKAAKPKKAAAKKK
;
u
#
loop_
_chem_comp.id
_chem_comp.type
_chem_comp.name
_chem_comp.formula
DA DNA linking 2'-DEOXYADENOSINE-5'-MONOPHOSPHATE 'C10 H14 N5 O6 P'
DC DNA linking 2'-DEOXYCYTIDINE-5'-MONOPHOSPHATE 'C9 H14 N3 O7 P'
DG DNA linking 2'-DEOXYGUANOSINE-5'-MONOPHOSPHATE 'C10 H14 N5 O7 P'
DT DNA linking THYMIDINE-5'-MONOPHOSPHATE 'C10 H15 N2 O8 P'
#
# COMPACT_ATOMS: atom_id res chain seq x y z
N LYS A 38 -25.23 38.58 -28.96
CA LYS A 38 -24.21 37.61 -28.57
C LYS A 38 -24.84 36.39 -27.92
N PRO A 39 -24.46 35.19 -28.38
CA PRO A 39 -24.98 33.97 -27.77
C PRO A 39 -24.42 33.77 -26.37
N HIS A 40 -25.12 32.95 -25.60
CA HIS A 40 -24.78 32.75 -24.21
C HIS A 40 -23.52 31.89 -24.07
N ARG A 41 -22.75 32.15 -23.02
CA ARG A 41 -21.54 31.39 -22.73
C ARG A 41 -21.22 31.48 -21.25
N TYR A 42 -21.05 30.33 -20.61
CA TYR A 42 -20.57 30.30 -19.22
C TYR A 42 -19.06 30.50 -19.16
N ARG A 43 -18.60 31.00 -18.01
CA ARG A 43 -17.19 31.17 -17.71
C ARG A 43 -16.53 29.80 -17.48
N PRO A 44 -15.23 29.69 -17.74
CA PRO A 44 -14.55 28.38 -17.58
C PRO A 44 -14.57 27.88 -16.14
N GLY A 45 -14.66 26.56 -16.00
CA GLY A 45 -14.70 25.91 -14.73
C GLY A 45 -16.09 25.66 -14.19
N THR A 46 -17.03 26.59 -14.45
CA THR A 46 -18.40 26.40 -13.97
C THR A 46 -19.08 25.26 -14.71
N VAL A 47 -18.91 25.19 -16.02
CA VAL A 47 -19.35 24.02 -16.79
C VAL A 47 -18.60 22.79 -16.31
N ALA A 48 -17.30 22.93 -16.04
CA ALA A 48 -16.50 21.82 -15.53
C ALA A 48 -17.00 21.36 -14.16
N LEU A 49 -17.35 22.30 -13.28
CA LEU A 49 -17.85 21.94 -11.97
C LEU A 49 -19.22 21.30 -12.06
N ARG A 50 -20.05 21.75 -13.00
CA ARG A 50 -21.33 21.10 -13.24
C ARG A 50 -21.13 19.68 -13.75
N GLU A 51 -20.11 19.48 -14.60
CA GLU A 51 -19.74 18.13 -15.01
C GLU A 51 -19.28 17.29 -13.82
N ILE A 52 -18.56 17.89 -12.88
CA ILE A 52 -18.13 17.18 -11.67
C ILE A 52 -19.35 16.69 -10.90
N ARG A 53 -20.30 17.59 -10.64
CA ARG A 53 -21.51 17.22 -9.91
C ARG A 53 -22.31 16.15 -10.67
N ARG A 54 -22.43 16.33 -11.99
CA ARG A 54 -23.21 15.41 -12.82
C ARG A 54 -22.60 14.02 -12.84
N TYR A 55 -21.32 13.92 -13.16
CA TYR A 55 -20.70 12.62 -13.33
C TYR A 55 -20.35 11.95 -12.00
N GLN A 56 -20.08 12.72 -10.95
CA GLN A 56 -19.88 12.13 -9.65
C GLN A 56 -21.19 11.69 -9.02
N LYS A 57 -22.29 12.38 -9.32
CA LYS A 57 -23.61 11.87 -8.98
C LYS A 57 -23.93 10.61 -9.76
N SER A 58 -23.47 10.53 -11.01
CA SER A 58 -23.75 9.39 -11.87
C SER A 58 -23.01 8.15 -11.39
N THR A 59 -23.52 6.99 -11.80
CA THR A 59 -22.97 5.71 -11.40
C THR A 59 -22.56 4.84 -12.57
N GLU A 60 -22.85 5.25 -13.80
CA GLU A 60 -22.72 4.38 -14.95
C GLU A 60 -21.26 4.20 -15.35
N LEU A 61 -21.02 3.18 -16.17
CA LEU A 61 -19.73 2.98 -16.78
C LEU A 61 -19.40 4.15 -17.70
N LEU A 62 -18.17 4.65 -17.61
CA LEU A 62 -17.88 5.97 -18.14
C LEU A 62 -17.03 5.95 -19.40
N ILE A 63 -16.15 4.97 -19.57
CA ILE A 63 -15.37 4.85 -20.80
C ILE A 63 -16.13 4.01 -21.80
N ARG A 64 -15.81 4.20 -23.08
CA ARG A 64 -16.45 3.44 -24.13
C ARG A 64 -16.04 1.97 -24.06
N LYS A 65 -16.99 1.07 -24.30
CA LYS A 65 -16.77 -0.35 -24.04
C LYS A 65 -15.87 -0.98 -25.10
N LEU A 66 -16.25 -0.85 -26.38
CA LEU A 66 -15.56 -1.56 -27.45
C LEU A 66 -14.09 -1.15 -27.64
N PRO A 67 -13.72 0.14 -27.69
CA PRO A 67 -12.28 0.44 -27.86
C PRO A 67 -11.43 0.03 -26.68
N PHE A 68 -11.95 0.13 -25.45
CA PHE A 68 -11.21 -0.35 -24.29
C PHE A 68 -11.06 -1.86 -24.32
N GLN A 69 -12.11 -2.55 -24.75
CA GLN A 69 -12.06 -4.00 -24.89
C GLN A 69 -11.03 -4.41 -25.94
N ARG A 70 -10.98 -3.66 -27.04
CA ARG A 70 -9.98 -3.87 -28.08
C ARG A 70 -8.58 -3.61 -27.54
N LEU A 71 -8.42 -2.59 -26.69
CA LEU A 71 -7.13 -2.31 -26.07
C LEU A 71 -6.69 -3.42 -25.13
N VAL A 72 -7.63 -4.00 -24.38
CA VAL A 72 -7.29 -5.10 -23.50
C VAL A 72 -6.83 -6.30 -24.32
N ARG A 73 -7.51 -6.56 -25.45
CA ARG A 73 -7.01 -7.59 -26.36
C ARG A 73 -5.63 -7.23 -26.90
N GLU A 74 -5.43 -5.95 -27.25
CA GLU A 74 -4.18 -5.49 -27.84
C GLU A 74 -3.00 -5.76 -26.92
N ILE A 75 -3.17 -5.44 -25.64
CA ILE A 75 -2.15 -5.77 -24.66
C ILE A 75 -2.07 -7.28 -24.48
N ALA A 76 -3.20 -7.97 -24.68
CA ALA A 76 -3.29 -9.39 -24.34
C ALA A 76 -2.55 -10.29 -25.32
N GLN A 77 -2.40 -9.90 -26.60
CA GLN A 77 -1.71 -10.83 -27.52
C GLN A 77 -0.24 -10.99 -27.14
N ASP A 78 0.36 -9.94 -26.57
CA ASP A 78 1.80 -9.89 -26.35
C ASP A 78 2.29 -10.95 -25.37
N PHE A 79 1.50 -11.28 -24.36
CA PHE A 79 1.93 -12.26 -23.36
C PHE A 79 1.47 -13.67 -23.70
N LYS A 80 0.29 -13.81 -24.30
CA LYS A 80 -0.17 -15.11 -24.77
C LYS A 80 -1.10 -14.91 -25.95
N THR A 81 -0.85 -15.64 -27.03
CA THR A 81 -1.60 -15.52 -28.27
C THR A 81 -2.96 -16.21 -28.14
N ASP A 82 -3.96 -15.69 -28.85
CA ASP A 82 -5.30 -16.25 -29.00
C ASP A 82 -6.08 -16.29 -27.69
N LEU A 83 -5.98 -15.23 -26.89
CA LEU A 83 -6.73 -15.16 -25.64
C LEU A 83 -8.15 -14.68 -25.88
N ARG A 84 -9.12 -15.32 -25.23
CA ARG A 84 -10.52 -14.95 -25.35
C ARG A 84 -11.05 -14.44 -24.01
N PHE A 85 -12.08 -13.60 -24.12
CA PHE A 85 -12.62 -12.87 -22.98
C PHE A 85 -14.10 -13.18 -22.84
N GLN A 86 -14.55 -13.45 -21.61
CA GLN A 86 -15.97 -13.28 -21.33
C GLN A 86 -16.24 -11.82 -20.99
N SER A 87 -17.45 -11.36 -21.29
CA SER A 87 -17.76 -9.94 -21.27
C SER A 87 -17.68 -9.36 -19.85
N SER A 88 -18.16 -10.12 -18.85
CA SER A 88 -18.15 -9.64 -17.48
C SER A 88 -16.73 -9.43 -16.95
N ALA A 89 -15.79 -10.23 -17.44
CA ALA A 89 -14.38 -9.96 -17.14
C ALA A 89 -13.93 -8.62 -17.72
N VAL A 90 -14.43 -8.28 -18.90
CA VAL A 90 -14.05 -7.01 -19.51
C VAL A 90 -14.64 -5.84 -18.74
N MET A 91 -15.90 -5.95 -18.30
CA MET A 91 -16.45 -4.90 -17.44
C MET A 91 -15.73 -4.83 -16.10
N ALA A 92 -15.26 -5.97 -15.59
CA ALA A 92 -14.50 -5.96 -14.35
C ALA A 92 -13.17 -5.23 -14.51
N LEU A 93 -12.45 -5.50 -15.60
CA LEU A 93 -11.25 -4.74 -15.91
C LEU A 93 -11.54 -3.27 -16.16
N GLN A 94 -12.69 -2.99 -16.79
CA GLN A 94 -13.13 -1.62 -17.02
C GLN A 94 -13.29 -0.87 -15.71
N GLU A 95 -14.02 -1.45 -14.75
CA GLU A 95 -14.26 -0.80 -13.48
C GLU A 95 -12.96 -0.72 -12.67
N ALA A 96 -12.11 -1.74 -12.78
CA ALA A 96 -10.82 -1.72 -12.08
C ALA A 96 -9.94 -0.58 -12.59
N SER A 97 -9.87 -0.42 -13.90
CA SER A 97 -9.08 0.66 -14.49
C SER A 97 -9.65 2.01 -14.10
N GLU A 98 -10.98 2.15 -14.16
CA GLU A 98 -11.60 3.42 -13.78
C GLU A 98 -11.38 3.74 -12.32
N ALA A 99 -11.43 2.72 -11.45
CA ALA A 99 -11.21 2.94 -10.02
C ALA A 99 -9.79 3.36 -9.72
N TYR A 100 -8.82 2.66 -10.32
CA TYR A 100 -7.42 3.00 -10.12
C TYR A 100 -7.13 4.40 -10.62
N LEU A 101 -7.65 4.74 -11.81
CA LEU A 101 -7.47 6.08 -12.34
C LEU A 101 -8.12 7.14 -11.46
N VAL A 102 -9.38 6.93 -11.04
CA VAL A 102 -10.08 7.98 -10.32
C VAL A 102 -9.40 8.23 -8.97
N GLY A 103 -8.94 7.16 -8.31
CA GLY A 103 -8.19 7.32 -7.08
C GLY A 103 -6.91 8.11 -7.28
N LEU A 104 -6.18 7.83 -8.38
CA LEU A 104 -5.03 8.65 -8.70
C LEU A 104 -5.42 10.11 -8.94
N PHE A 105 -6.61 10.36 -9.46
CA PHE A 105 -6.99 11.76 -9.67
C PHE A 105 -7.40 12.48 -8.38
N GLU A 106 -7.99 11.82 -7.38
CA GLU A 106 -8.10 12.56 -6.10
C GLU A 106 -6.73 12.75 -5.49
N ASP A 107 -5.81 11.82 -5.73
CA ASP A 107 -4.45 11.99 -5.25
C ASP A 107 -3.79 13.21 -5.87
N THR A 108 -3.94 13.37 -7.19
CA THR A 108 -3.35 14.52 -7.87
C THR A 108 -4.09 15.81 -7.56
N ASN A 109 -5.39 15.73 -7.21
CA ASN A 109 -6.07 16.92 -6.72
C ASN A 109 -5.50 17.37 -5.39
N LEU A 110 -5.21 16.42 -4.50
CA LEU A 110 -4.51 16.75 -3.26
C LEU A 110 -3.14 17.36 -3.55
N ALA A 111 -2.44 16.82 -4.54
CA ALA A 111 -1.15 17.37 -4.95
C ALA A 111 -1.28 18.78 -5.51
N ALA A 112 -2.32 19.03 -6.31
CA ALA A 112 -2.50 20.34 -6.94
C ALA A 112 -2.87 21.40 -5.91
N ILE A 113 -3.74 21.05 -4.97
CA ILE A 113 -4.01 21.92 -3.82
C ILE A 113 -2.74 22.15 -3.03
N HIS A 114 -1.91 21.12 -2.92
CA HIS A 114 -0.69 21.21 -2.14
C HIS A 114 0.28 22.22 -2.74
N ALA A 115 0.38 22.25 -4.06
CA ALA A 115 1.23 23.20 -4.76
C ALA A 115 0.52 24.51 -5.10
N LYS A 116 -0.59 24.81 -4.41
CA LYS A 116 -1.37 26.05 -4.58
C LYS A 116 -1.91 26.21 -6.00
N ARG A 117 -2.16 25.11 -6.70
CA ARG A 117 -2.59 25.17 -8.09
C ARG A 117 -3.98 24.56 -8.26
N VAL A 118 -4.58 24.85 -9.42
CA VAL A 118 -5.79 24.18 -9.86
C VAL A 118 -5.52 23.25 -11.02
N THR A 119 -4.34 23.32 -11.62
CA THR A 119 -3.95 22.45 -12.72
C THR A 119 -3.06 21.35 -12.16
N ILE A 120 -3.27 20.12 -12.63
CA ILE A 120 -2.27 19.09 -12.36
C ILE A 120 -1.31 19.01 -13.53
N MET A 121 -0.06 18.67 -13.24
CA MET A 121 1.01 18.53 -14.21
C MET A 121 1.61 17.15 -13.99
N PRO A 122 2.29 16.56 -15.00
CA PRO A 122 2.69 15.15 -14.89
C PRO A 122 3.59 14.81 -13.71
N LYS A 123 4.31 15.79 -13.16
CA LYS A 123 5.06 15.52 -11.94
C LYS A 123 4.13 15.29 -10.74
N ASP A 124 2.92 15.86 -10.75
CA ASP A 124 1.95 15.56 -9.70
C ASP A 124 1.59 14.08 -9.71
N ILE A 125 1.27 13.56 -10.90
CA ILE A 125 0.94 12.15 -11.08
C ILE A 125 2.13 11.28 -10.73
N GLN A 126 3.33 11.71 -11.17
CA GLN A 126 4.54 10.94 -10.91
C GLN A 126 4.84 10.81 -9.43
N LEU A 127 4.69 11.91 -8.68
CA LEU A 127 4.96 11.83 -7.25
C LEU A 127 3.85 11.10 -6.53
N ALA A 128 2.64 11.12 -7.07
CA ALA A 128 1.57 10.26 -6.53
C ALA A 128 1.96 8.79 -6.66
N ARG A 129 2.48 8.41 -7.83
CA ARG A 129 3.01 7.08 -8.05
C ARG A 129 4.14 6.74 -7.07
N ARG A 130 5.03 7.72 -6.84
CA ARG A 130 6.21 7.46 -6.02
C ARG A 130 5.83 7.28 -4.55
N ILE A 131 4.89 8.09 -4.05
CA ILE A 131 4.52 7.97 -2.65
C ILE A 131 3.65 6.73 -2.43
N ARG A 132 2.87 6.34 -3.45
CA ARG A 132 2.14 5.08 -3.36
C ARG A 132 3.06 3.86 -3.41
N GLY A 133 4.33 4.04 -3.78
CA GLY A 133 5.29 2.96 -3.65
C GLY A 133 5.25 1.94 -4.78
N GLU A 134 5.12 2.38 -6.02
CA GLU A 134 5.10 1.46 -7.15
C GLU A 134 6.24 1.77 -8.14
N LYS B 21 -7.61 -9.42 -36.86
CA LYS B 21 -7.15 -10.04 -35.63
C LYS B 21 -6.04 -9.22 -34.99
N VAL B 22 -5.16 -8.66 -35.82
CA VAL B 22 -4.02 -7.90 -35.34
C VAL B 22 -4.47 -6.50 -34.95
N LEU B 23 -4.14 -6.09 -33.73
CA LEU B 23 -4.43 -4.75 -33.23
C LEU B 23 -3.12 -4.08 -32.84
N ARG B 24 -2.95 -2.83 -33.26
CA ARG B 24 -1.69 -2.13 -33.10
C ARG B 24 -1.79 -0.84 -32.31
N ASP B 25 -2.81 -0.03 -32.56
CA ASP B 25 -2.84 1.34 -32.05
C ASP B 25 -4.15 1.64 -31.31
N ASN B 26 -4.55 0.74 -30.43
CA ASN B 26 -5.70 1.02 -29.57
C ASN B 26 -5.31 1.66 -28.25
N ILE B 27 -4.02 1.97 -28.03
CA ILE B 27 -3.64 2.72 -26.85
C ILE B 27 -4.19 4.14 -26.92
N GLN B 28 -4.33 4.69 -28.12
CA GLN B 28 -5.05 5.94 -28.30
C GLN B 28 -6.55 5.74 -28.38
N GLY B 29 -7.02 4.49 -28.30
CA GLY B 29 -8.44 4.20 -28.30
C GLY B 29 -9.20 4.76 -27.13
N ILE B 30 -8.53 5.00 -26.00
CA ILE B 30 -9.11 5.76 -24.90
C ILE B 30 -9.01 7.23 -25.29
N THR B 31 -10.15 7.90 -25.31
CA THR B 31 -10.20 9.25 -25.85
C THR B 31 -9.76 10.27 -24.82
N LYS B 32 -9.38 11.45 -25.31
CA LYS B 32 -9.14 12.59 -24.43
C LYS B 32 -10.35 12.98 -23.58
N PRO B 33 -11.58 13.13 -24.13
CA PRO B 33 -12.71 13.44 -23.23
C PRO B 33 -13.04 12.35 -22.25
N ALA B 34 -12.70 11.09 -22.53
CA ALA B 34 -12.86 10.04 -21.52
C ALA B 34 -11.98 10.29 -20.31
N ILE B 35 -10.73 10.70 -20.56
CA ILE B 35 -9.84 11.05 -19.46
C ILE B 35 -10.34 12.29 -18.73
N ARG B 36 -10.93 13.23 -19.48
CA ARG B 36 -11.57 14.37 -18.84
C ARG B 36 -12.71 13.95 -17.92
N ARG B 37 -13.51 12.98 -18.35
CA ARG B 37 -14.63 12.54 -17.53
C ARG B 37 -14.17 11.78 -16.29
N LEU B 38 -13.12 10.97 -16.42
CA LEU B 38 -12.51 10.37 -15.23
C LEU B 38 -11.92 11.44 -14.30
N ALA B 39 -11.40 12.52 -14.87
CA ALA B 39 -10.91 13.63 -14.06
C ALA B 39 -12.06 14.32 -13.32
N ARG B 40 -13.23 14.42 -13.96
CA ARG B 40 -14.40 14.96 -13.28
C ARG B 40 -14.85 14.01 -12.16
N ARG B 41 -14.71 12.70 -12.38
CA ARG B 41 -14.92 11.75 -11.28
C ARG B 41 -13.92 11.95 -10.16
N GLY B 42 -12.69 12.30 -10.49
CA GLY B 42 -11.69 12.53 -9.48
C GLY B 42 -11.73 13.89 -8.83
N GLY B 43 -12.64 14.77 -9.26
CA GLY B 43 -12.68 16.10 -8.70
C GLY B 43 -11.66 17.06 -9.26
N VAL B 44 -11.23 16.88 -10.50
CA VAL B 44 -10.28 17.78 -11.12
C VAL B 44 -11.03 19.00 -11.65
N LYS B 45 -10.58 20.18 -11.25
CA LYS B 45 -11.18 21.40 -11.78
C LYS B 45 -10.63 21.75 -13.16
N ARG B 46 -9.33 21.95 -13.29
CA ARG B 46 -8.72 22.28 -14.56
C ARG B 46 -7.66 21.23 -14.87
N ILE B 47 -7.73 20.65 -16.06
CA ILE B 47 -6.86 19.56 -16.48
C ILE B 47 -5.90 20.08 -17.53
N SER B 48 -4.62 19.71 -17.41
CA SER B 48 -3.66 20.09 -18.43
C SER B 48 -3.74 19.15 -19.63
N GLY B 49 -3.35 19.67 -20.79
CA GLY B 49 -3.30 18.86 -21.99
C GLY B 49 -2.11 17.93 -22.05
N LEU B 50 -1.12 18.15 -21.20
CA LEU B 50 0.06 17.30 -21.15
C LEU B 50 -0.16 16.05 -20.31
N ILE B 51 -1.31 15.91 -19.66
CA ILE B 51 -1.53 14.82 -18.72
C ILE B 51 -1.80 13.51 -19.45
N TYR B 52 -2.35 13.60 -20.66
CA TYR B 52 -3.08 12.49 -21.27
C TYR B 52 -2.16 11.33 -21.63
N GLU B 53 -0.97 11.62 -22.13
CA GLU B 53 -0.07 10.55 -22.54
C GLU B 53 0.48 9.78 -21.34
N GLU B 54 0.80 10.46 -20.24
CA GLU B 54 1.27 9.74 -19.07
C GLU B 54 0.13 9.00 -18.36
N THR B 55 -1.09 9.53 -18.42
CA THR B 55 -2.22 8.76 -17.90
C THR B 55 -2.43 7.50 -18.73
N ARG B 56 -2.30 7.61 -20.05
CA ARG B 56 -2.36 6.43 -20.91
C ARG B 56 -1.23 5.46 -20.58
N GLY B 57 -0.04 5.98 -20.29
CA GLY B 57 1.07 5.11 -19.94
C GLY B 57 0.87 4.36 -18.63
N VAL B 58 0.42 5.06 -17.59
CA VAL B 58 0.20 4.39 -16.30
C VAL B 58 -1.01 3.47 -16.38
N LEU B 59 -1.99 3.83 -17.22
CA LEU B 59 -3.13 2.97 -17.47
C LEU B 59 -2.68 1.66 -18.14
N LYS B 60 -1.80 1.78 -19.12
CA LYS B 60 -1.27 0.61 -19.81
C LYS B 60 -0.41 -0.24 -18.88
N VAL B 61 0.35 0.42 -17.99
CA VAL B 61 1.19 -0.32 -17.03
C VAL B 61 0.31 -1.11 -16.06
N PHE B 62 -0.74 -0.47 -15.54
CA PHE B 62 -1.61 -1.14 -14.58
C PHE B 62 -2.36 -2.30 -15.22
N LEU B 63 -2.88 -2.09 -16.44
CA LEU B 63 -3.51 -3.19 -17.16
C LEU B 63 -2.52 -4.28 -17.51
N GLU B 64 -1.28 -3.92 -17.88
CA GLU B 64 -0.27 -4.93 -18.18
C GLU B 64 0.02 -5.81 -16.98
N ASN B 65 0.15 -5.18 -15.80
CA ASN B 65 0.39 -5.94 -14.58
C ASN B 65 -0.77 -6.87 -14.25
N VAL B 66 -2.00 -6.34 -14.32
CA VAL B 66 -3.13 -7.16 -13.89
C VAL B 66 -3.41 -8.28 -14.89
N ILE B 67 -3.21 -8.04 -16.19
CA ILE B 67 -3.52 -9.13 -17.11
C ILE B 67 -2.36 -10.10 -17.17
N ARG B 68 -1.14 -9.65 -16.84
CA ARG B 68 -0.04 -10.60 -16.66
C ARG B 68 -0.38 -11.58 -15.56
N ASP B 69 -0.88 -11.05 -14.44
CA ASP B 69 -1.32 -11.89 -13.34
C ASP B 69 -2.45 -12.81 -13.79
N ALA B 70 -3.39 -12.27 -14.55
CA ALA B 70 -4.56 -13.03 -15.00
C ALA B 70 -4.17 -14.13 -15.99
N VAL B 71 -3.25 -13.85 -16.91
CA VAL B 71 -2.89 -14.88 -17.88
C VAL B 71 -2.07 -15.96 -17.21
N THR B 72 -1.27 -15.62 -16.18
CA THR B 72 -0.63 -16.70 -15.42
C THR B 72 -1.66 -17.54 -14.68
N TYR B 73 -2.70 -16.90 -14.13
CA TYR B 73 -3.79 -17.64 -13.49
C TYR B 73 -4.47 -18.59 -14.45
N THR B 74 -4.76 -18.13 -15.67
CA THR B 74 -5.51 -18.99 -16.59
C THR B 74 -4.61 -20.06 -17.22
N GLU B 75 -3.33 -19.77 -17.45
CA GLU B 75 -2.47 -20.80 -18.03
C GLU B 75 -2.11 -21.84 -16.99
N HIS B 76 -2.26 -21.50 -15.70
CA HIS B 76 -2.29 -22.55 -14.70
C HIS B 76 -3.49 -23.47 -14.90
N ALA B 77 -4.65 -22.90 -15.22
CA ALA B 77 -5.86 -23.69 -15.35
C ALA B 77 -5.97 -24.40 -16.69
N LYS B 78 -4.96 -24.27 -17.56
CA LYS B 78 -4.93 -24.85 -18.91
C LYS B 78 -6.10 -24.36 -19.76
N ARG B 79 -6.59 -23.16 -19.47
CA ARG B 79 -7.70 -22.56 -20.18
C ARG B 79 -7.17 -21.48 -21.11
N LYS B 80 -7.81 -21.37 -22.28
CA LYS B 80 -7.45 -20.33 -23.22
C LYS B 80 -8.37 -19.11 -23.06
N THR B 81 -9.41 -19.23 -22.25
CA THR B 81 -10.32 -18.12 -21.96
C THR B 81 -10.14 -17.71 -20.51
N VAL B 82 -9.99 -16.40 -20.27
CA VAL B 82 -9.87 -15.90 -18.91
C VAL B 82 -11.25 -15.50 -18.40
N THR B 83 -11.48 -15.66 -17.09
CA THR B 83 -12.77 -15.39 -16.48
C THR B 83 -12.70 -14.15 -15.60
N ALA B 84 -13.89 -13.67 -15.22
CA ALA B 84 -14.01 -12.53 -14.33
C ALA B 84 -13.49 -12.86 -12.93
N MET B 85 -13.66 -14.12 -12.52
CA MET B 85 -13.10 -14.59 -11.26
C MET B 85 -11.59 -14.40 -11.23
N ASP B 86 -10.92 -14.71 -12.34
CA ASP B 86 -9.48 -14.52 -12.42
C ASP B 86 -9.11 -13.05 -12.33
N VAL B 87 -9.93 -12.18 -12.93
CA VAL B 87 -9.68 -10.74 -12.87
C VAL B 87 -9.75 -10.24 -11.45
N VAL B 88 -10.84 -10.55 -10.74
CA VAL B 88 -10.99 -10.05 -9.37
C VAL B 88 -9.98 -10.73 -8.45
N TYR B 89 -9.54 -11.93 -8.82
CA TYR B 89 -8.56 -12.66 -8.03
C TYR B 89 -7.19 -12.01 -8.12
N ALA B 90 -6.78 -11.67 -9.34
CA ALA B 90 -5.53 -10.96 -9.57
C ALA B 90 -5.56 -9.58 -8.91
N LEU B 91 -6.67 -8.87 -9.00
CA LEU B 91 -6.77 -7.58 -8.34
C LEU B 91 -6.82 -7.74 -6.82
N LYS B 92 -7.28 -8.90 -6.33
CA LYS B 92 -7.21 -9.18 -4.90
C LYS B 92 -5.77 -9.31 -4.44
N ARG B 93 -4.94 -9.99 -5.23
CA ARG B 93 -3.57 -10.15 -4.78
C ARG B 93 -2.73 -8.89 -4.98
N GLN B 94 -3.21 -7.92 -5.75
CA GLN B 94 -2.51 -6.66 -5.93
C GLN B 94 -2.81 -5.63 -4.85
N GLY B 95 -3.86 -5.81 -4.06
CA GLY B 95 -4.26 -4.81 -3.10
C GLY B 95 -5.11 -3.70 -3.68
N ARG B 96 -5.77 -3.96 -4.79
CA ARG B 96 -6.80 -3.09 -5.37
C ARG B 96 -8.07 -3.88 -5.62
N THR B 97 -8.57 -4.51 -4.56
CA THR B 97 -9.74 -5.38 -4.63
C THR B 97 -10.98 -4.64 -5.16
N LEU B 98 -11.74 -5.35 -5.98
CA LEU B 98 -13.06 -4.93 -6.44
C LEU B 98 -14.08 -5.91 -5.91
N TYR B 99 -15.36 -5.59 -6.06
CA TYR B 99 -16.37 -6.54 -5.62
C TYR B 99 -17.34 -6.80 -6.76
N GLY B 100 -17.99 -7.98 -6.73
CA GLY B 100 -19.20 -8.18 -7.50
C GLY B 100 -19.06 -8.98 -8.77
N PHE B 101 -18.03 -9.79 -8.93
CA PHE B 101 -17.86 -10.60 -10.13
C PHE B 101 -17.54 -12.04 -9.76
N GLY B 102 -18.32 -12.59 -8.83
CA GLY B 102 -18.10 -13.94 -8.38
C GLY B 102 -16.97 -14.09 -7.38
N GLY B 103 -16.39 -13.00 -6.91
CA GLY B 103 -15.29 -13.06 -5.98
C GLY B 103 -15.70 -13.41 -4.57
N ALA C 28 19.26 -54.51 4.83
CA ALA C 28 19.05 -54.56 3.40
C ALA C 28 18.64 -53.19 2.87
N ARG C 29 18.53 -52.22 3.77
CA ARG C 29 18.15 -50.87 3.38
C ARG C 29 19.34 -50.18 2.72
N ALA C 30 19.03 -49.34 1.71
CA ALA C 30 20.06 -48.62 0.98
C ALA C 30 20.71 -47.55 1.85
N LYS C 31 21.84 -47.04 1.36
CA LYS C 31 22.59 -46.01 2.09
C LYS C 31 21.78 -44.72 2.18
N ALA C 32 21.70 -44.16 3.39
CA ALA C 32 20.88 -42.98 3.62
C ALA C 32 21.55 -41.76 3.02
N LYS C 33 21.13 -41.39 1.81
CA LYS C 33 21.59 -40.17 1.16
C LYS C 33 20.43 -39.17 1.25
N THR C 34 20.70 -37.88 1.02
CA THR C 34 19.72 -36.83 1.25
C THR C 34 19.10 -36.38 -0.06
N ARG C 35 17.87 -35.89 0.02
CA ARG C 35 17.16 -35.47 -1.19
C ARG C 35 17.72 -34.17 -1.75
N SER C 36 18.33 -33.34 -0.90
CA SER C 36 19.02 -32.16 -1.40
C SER C 36 20.22 -32.56 -2.26
N SER C 37 20.89 -33.66 -1.89
CA SER C 37 22.04 -34.13 -2.66
C SER C 37 21.62 -34.66 -4.03
N ARG C 38 20.53 -35.44 -4.09
CA ARG C 38 20.07 -35.93 -5.38
C ARG C 38 19.45 -34.80 -6.19
N ALA C 39 18.97 -33.75 -5.50
CA ALA C 39 18.55 -32.55 -6.18
C ALA C 39 19.71 -31.66 -6.58
N GLY C 40 20.92 -31.97 -6.13
CA GLY C 40 22.06 -31.11 -6.39
C GLY C 40 21.98 -29.77 -5.70
N LEU C 41 21.20 -29.67 -4.63
CA LEU C 41 20.95 -28.40 -3.98
C LEU C 41 21.43 -28.45 -2.53
N GLN C 42 21.57 -27.27 -1.94
CA GLN C 42 22.14 -27.16 -0.60
C GLN C 42 21.13 -26.73 0.45
N PHE C 43 20.04 -26.10 0.05
CA PHE C 43 18.96 -25.81 0.96
C PHE C 43 18.27 -27.10 1.39
N PRO C 44 17.76 -27.17 2.63
CA PRO C 44 17.18 -28.42 3.12
C PRO C 44 15.83 -28.68 2.49
N VAL C 45 15.80 -29.61 1.53
CA VAL C 45 14.55 -29.87 0.81
C VAL C 45 13.57 -30.61 1.70
N GLY C 46 14.06 -31.56 2.48
CA GLY C 46 13.19 -32.32 3.38
C GLY C 46 12.58 -31.45 4.47
N ARG C 47 13.34 -30.47 4.97
CA ARG C 47 12.80 -29.57 5.98
C ARG C 47 11.70 -28.68 5.42
N VAL C 48 11.88 -28.21 4.19
CA VAL C 48 10.83 -27.44 3.51
C VAL C 48 9.60 -28.30 3.27
N HIS C 49 9.82 -29.57 2.89
CA HIS C 49 8.72 -30.51 2.70
C HIS C 49 7.94 -30.70 4.00
N ARG C 50 8.65 -30.86 5.11
CA ARG C 50 8.01 -30.98 6.43
C ARG C 50 7.23 -29.72 6.78
N LEU C 51 7.81 -28.55 6.49
CA LEU C 51 7.18 -27.31 6.93
C LEU C 51 5.96 -26.98 6.08
N LEU C 52 5.94 -27.40 4.82
CA LEU C 52 4.71 -27.30 4.03
C LEU C 52 3.69 -28.36 4.42
N ARG C 53 4.16 -29.52 4.86
CA ARG C 53 3.24 -30.56 5.31
C ARG C 53 2.47 -30.11 6.55
N LYS C 54 3.16 -29.52 7.51
CA LYS C 54 2.49 -28.99 8.69
C LYS C 54 2.10 -27.53 8.57
N GLY C 55 2.35 -26.91 7.43
CA GLY C 55 1.90 -25.55 7.24
C GLY C 55 0.42 -25.40 6.97
N ASN C 56 -0.26 -26.50 6.65
CA ASN C 56 -1.70 -26.54 6.34
C ASN C 56 -2.04 -25.59 5.19
N TYR C 57 -1.51 -25.91 4.01
CA TYR C 57 -1.86 -25.18 2.79
C TYR C 57 -2.55 -26.06 1.77
N SER C 58 -2.41 -27.37 1.89
CA SER C 58 -3.26 -28.33 1.17
C SER C 58 -3.28 -29.62 1.97
N GLU C 59 -4.10 -30.56 1.52
CA GLU C 59 -4.15 -31.85 2.20
C GLU C 59 -2.92 -32.70 1.88
N ARG C 60 -2.23 -32.39 0.78
CA ARG C 60 -1.05 -33.11 0.36
C ARG C 60 -0.20 -32.26 -0.57
N VAL C 61 1.06 -32.69 -0.72
CA VAL C 61 2.05 -31.98 -1.52
C VAL C 61 2.78 -32.97 -2.42
N GLY C 62 2.94 -32.61 -3.69
CA GLY C 62 3.69 -33.45 -4.60
C GLY C 62 5.17 -33.42 -4.30
N ALA C 63 5.90 -34.36 -4.91
CA ALA C 63 7.32 -34.51 -4.61
C ALA C 63 8.13 -33.33 -5.16
N GLY C 64 7.78 -32.84 -6.35
CA GLY C 64 8.57 -31.80 -6.97
C GLY C 64 8.41 -30.42 -6.39
N ALA C 65 7.30 -30.16 -5.71
CA ALA C 65 7.05 -28.83 -5.17
C ALA C 65 8.05 -28.37 -4.11
N PRO C 66 8.39 -29.15 -3.06
CA PRO C 66 9.41 -28.65 -2.12
C PRO C 66 10.78 -28.53 -2.75
N VAL C 67 11.11 -29.38 -3.71
CA VAL C 67 12.36 -29.24 -4.44
C VAL C 67 12.39 -27.93 -5.19
N TYR C 68 11.28 -27.59 -5.84
CA TYR C 68 11.19 -26.35 -6.61
C TYR C 68 11.30 -25.14 -5.69
N LEU C 69 10.63 -25.19 -4.54
CA LEU C 69 10.64 -24.04 -3.64
C LEU C 69 11.99 -23.89 -2.95
N ALA C 70 12.63 -25.00 -2.59
CA ALA C 70 13.99 -24.93 -2.07
C ALA C 70 14.94 -24.36 -3.11
N ALA C 71 14.73 -24.73 -4.38
CA ALA C 71 15.55 -24.19 -5.45
C ALA C 71 15.39 -22.68 -5.59
N VAL C 72 14.15 -22.18 -5.57
CA VAL C 72 13.94 -20.75 -5.77
C VAL C 72 14.44 -19.97 -4.55
N LEU C 73 14.26 -20.52 -3.35
CA LEU C 73 14.82 -19.85 -2.16
C LEU C 73 16.34 -19.82 -2.21
N GLU C 74 16.97 -20.91 -2.66
CA GLU C 74 18.42 -20.94 -2.75
C GLU C 74 18.93 -19.94 -3.78
N TYR C 75 18.21 -19.79 -4.91
CA TYR C 75 18.62 -18.79 -5.88
C TYR C 75 18.47 -17.37 -5.32
N LEU C 76 17.36 -17.10 -4.63
CA LEU C 76 17.17 -15.77 -4.05
C LEU C 76 18.24 -15.43 -3.02
N THR C 77 18.55 -16.38 -2.14
CA THR C 77 19.59 -16.13 -1.14
C THR C 77 20.96 -16.00 -1.78
N ALA C 78 21.22 -16.76 -2.86
CA ALA C 78 22.48 -16.61 -3.58
C ALA C 78 22.60 -15.24 -4.20
N GLU C 79 21.51 -14.73 -4.80
CA GLU C 79 21.50 -13.38 -5.36
C GLU C 79 21.77 -12.32 -4.29
N ILE C 80 21.03 -12.40 -3.18
CA ILE C 80 21.15 -11.42 -2.12
C ILE C 80 22.56 -11.42 -1.53
N LEU C 81 23.11 -12.60 -1.24
CA LEU C 81 24.41 -12.64 -0.60
C LEU C 81 25.54 -12.40 -1.60
N GLU C 82 25.31 -12.64 -2.89
CA GLU C 82 26.31 -12.25 -3.88
C GLU C 82 26.43 -10.74 -3.93
N LEU C 83 25.29 -10.05 -3.95
CA LEU C 83 25.32 -8.59 -3.88
C LEU C 83 25.87 -8.10 -2.54
N ALA C 84 25.58 -8.84 -1.47
CA ALA C 84 26.06 -8.45 -0.14
C ALA C 84 27.58 -8.60 -0.02
N GLY C 85 28.13 -9.69 -0.55
CA GLY C 85 29.56 -9.86 -0.55
C GLY C 85 30.27 -8.85 -1.44
N ASN C 86 29.66 -8.51 -2.58
CA ASN C 86 30.23 -7.47 -3.42
C ASN C 86 30.19 -6.12 -2.72
N ALA C 87 29.12 -5.84 -1.97
CA ALA C 87 29.04 -4.60 -1.21
C ALA C 87 30.03 -4.59 -0.05
N ALA C 88 30.29 -5.78 0.53
CA ALA C 88 31.28 -5.87 1.59
C ALA C 88 32.68 -5.61 1.06
N ARG C 89 33.01 -6.18 -0.10
CA ARG C 89 34.28 -5.88 -0.75
C ARG C 89 34.35 -4.42 -1.17
N ASP C 90 33.20 -3.81 -1.47
CA ASP C 90 33.16 -2.38 -1.77
C ASP C 90 33.56 -1.57 -0.54
N ASN C 91 33.17 -2.01 0.66
CA ASN C 91 33.42 -1.25 1.87
C ASN C 91 34.71 -1.73 2.54
N LYS C 92 35.55 -2.46 1.80
CA LYS C 92 36.84 -2.99 2.28
C LYS C 92 36.66 -3.86 3.53
N LYS C 93 35.59 -4.65 3.56
CA LYS C 93 35.26 -5.45 4.72
C LYS C 93 35.01 -6.89 4.28
N THR C 94 35.54 -7.84 5.04
CA THR C 94 35.27 -9.24 4.77
C THR C 94 34.08 -9.77 5.59
N ARG C 95 33.47 -8.92 6.40
CA ARG C 95 32.35 -9.31 7.25
C ARG C 95 31.14 -8.48 6.84
N ILE C 96 30.02 -9.16 6.57
CA ILE C 96 28.85 -8.47 6.03
C ILE C 96 27.98 -7.95 7.17
N ILE C 97 27.61 -6.67 7.08
CA ILE C 97 26.78 -5.96 8.05
C ILE C 97 25.41 -5.84 7.39
N PRO C 98 24.31 -5.75 8.16
CA PRO C 98 23.00 -5.48 7.54
C PRO C 98 22.93 -4.18 6.74
N ARG C 99 23.79 -3.21 7.05
CA ARG C 99 23.97 -2.06 6.17
C ARG C 99 24.33 -2.49 4.75
N HIS C 100 25.15 -3.52 4.62
CA HIS C 100 25.49 -4.03 3.30
C HIS C 100 24.29 -4.66 2.64
N LEU C 101 23.38 -5.24 3.42
CA LEU C 101 22.14 -5.76 2.83
C LEU C 101 21.27 -4.62 2.32
N GLN C 102 21.27 -3.48 3.01
CA GLN C 102 20.60 -2.29 2.46
C GLN C 102 21.21 -1.83 1.15
N LEU C 103 22.55 -1.72 1.12
CA LEU C 103 23.24 -1.34 -0.12
C LEU C 103 23.02 -2.37 -1.23
N ALA C 104 22.73 -3.61 -0.85
CA ALA C 104 22.43 -4.63 -1.85
C ALA C 104 21.01 -4.48 -2.39
N ILE C 105 20.00 -4.59 -1.53
CA ILE C 105 18.63 -4.74 -2.02
C ILE C 105 18.08 -3.40 -2.50
N ARG C 106 18.51 -2.30 -1.87
CA ARG C 106 17.90 -1.03 -2.23
C ARG C 106 18.54 -0.43 -3.48
N ASN C 107 19.63 -1.02 -3.97
CA ASN C 107 20.23 -0.58 -5.21
C ASN C 107 19.91 -1.50 -6.39
N ASP C 108 19.09 -2.52 -6.20
CA ASP C 108 18.57 -3.33 -7.29
C ASP C 108 17.06 -3.15 -7.33
N GLU C 109 16.56 -2.66 -8.47
CA GLU C 109 15.16 -2.23 -8.54
C GLU C 109 14.21 -3.43 -8.54
N GLU C 110 14.67 -4.58 -9.05
CA GLU C 110 13.81 -5.74 -9.11
C GLU C 110 13.65 -6.37 -7.73
N LEU C 111 14.75 -6.46 -6.98
CA LEU C 111 14.67 -6.85 -5.59
C LEU C 111 13.95 -5.79 -4.75
N ASN C 112 14.06 -4.52 -5.16
CA ASN C 112 13.30 -3.46 -4.49
C ASN C 112 11.81 -3.70 -4.65
N LYS C 113 11.38 -4.08 -5.85
CA LYS C 113 9.98 -4.43 -6.06
C LYS C 113 9.61 -5.70 -5.30
N LEU C 114 10.57 -6.60 -5.11
CA LEU C 114 10.32 -7.78 -4.30
C LEU C 114 10.10 -7.41 -2.83
N LEU C 115 10.91 -6.50 -2.30
CA LEU C 115 10.91 -6.20 -0.87
C LEU C 115 10.74 -4.71 -0.57
N GLY C 116 9.73 -4.09 -1.21
CA GLY C 116 9.54 -2.66 -1.01
C GLY C 116 8.99 -2.31 0.36
N ARG C 117 8.20 -3.21 0.95
CA ARG C 117 7.44 -2.89 2.16
C ARG C 117 8.15 -3.31 3.44
N VAL C 118 9.39 -3.81 3.33
CA VAL C 118 10.10 -4.38 4.47
C VAL C 118 11.18 -3.39 4.91
N THR C 119 11.59 -3.49 6.17
CA THR C 119 12.70 -2.70 6.69
C THR C 119 13.67 -3.62 7.40
N ILE C 120 14.97 -3.41 7.16
CA ILE C 120 16.03 -4.11 7.86
C ILE C 120 16.30 -3.39 9.18
N ALA C 121 16.27 -4.14 10.29
CA ALA C 121 16.63 -3.58 11.58
C ALA C 121 18.11 -3.23 11.61
N GLN C 122 18.42 -2.05 12.16
CA GLN C 122 19.76 -1.46 12.17
C GLN C 122 20.35 -1.35 10.77
N GLY C 123 19.51 -1.09 9.76
CA GLY C 123 20.00 -1.02 8.40
C GLY C 123 20.14 0.38 7.86
N GLY C 124 19.17 1.25 8.11
CA GLY C 124 19.24 2.59 7.58
C GLY C 124 18.78 2.66 6.13
N VAL C 125 19.11 3.79 5.49
CA VAL C 125 18.63 4.13 4.15
C VAL C 125 19.86 4.42 3.31
N LEU C 126 19.73 4.25 1.98
CA LEU C 126 20.79 4.63 1.07
C LEU C 126 21.05 6.12 1.13
N PRO C 127 22.27 6.57 0.83
CA PRO C 127 22.51 8.02 0.69
C PRO C 127 21.78 8.56 -0.53
N ASN C 128 20.82 9.46 -0.29
CA ASN C 128 19.98 10.01 -1.35
C ASN C 128 19.72 11.46 -1.02
N ILE C 129 20.20 12.36 -1.87
CA ILE C 129 20.03 13.80 -1.68
C ILE C 129 19.31 14.34 -2.91
N GLN C 130 18.24 15.09 -2.69
CA GLN C 130 17.52 15.70 -3.80
C GLN C 130 18.36 16.81 -4.40
N ALA C 131 18.19 17.02 -5.71
CA ALA C 131 19.07 17.93 -6.46
C ALA C 131 18.89 19.38 -6.05
N VAL C 132 17.72 19.75 -5.53
CA VAL C 132 17.51 21.12 -5.10
C VAL C 132 18.24 21.41 -3.78
N LEU C 133 18.62 20.37 -3.04
CA LEU C 133 19.20 20.55 -1.72
C LEU C 133 20.65 21.04 -1.76
N LEU C 134 21.42 20.63 -2.75
CA LEU C 134 22.81 21.04 -2.83
C LEU C 134 22.92 22.51 -3.24
N PRO C 135 23.88 23.24 -2.69
CA PRO C 135 24.07 24.64 -3.10
C PRO C 135 24.69 24.74 -4.48
N LYS C 136 24.72 25.97 -5.00
CA LYS C 136 25.29 26.24 -6.31
C LYS C 136 26.81 26.07 -6.31
N LYS D 31 19.61 -30.27 29.20
CA LYS D 31 19.74 -29.27 28.15
C LYS D 31 18.42 -28.58 27.87
N ARG D 32 18.16 -28.28 26.60
CA ARG D 32 17.01 -27.50 26.20
C ARG D 32 16.34 -28.10 24.98
N SER D 33 15.08 -27.70 24.77
CA SER D 33 14.42 -27.95 23.50
C SER D 33 14.98 -27.01 22.44
N ARG D 34 15.01 -27.50 21.20
CA ARG D 34 15.74 -26.84 20.12
C ARG D 34 14.88 -25.79 19.42
N LYS D 35 15.55 -24.89 18.70
CA LYS D 35 14.93 -23.89 17.85
C LYS D 35 15.35 -24.17 16.41
N GLU D 36 14.40 -24.55 15.57
CA GLU D 36 14.69 -24.81 14.16
C GLU D 36 15.09 -23.52 13.45
N SER D 37 16.08 -23.64 12.55
CA SER D 37 16.64 -22.45 11.93
C SER D 37 17.12 -22.79 10.52
N TYR D 38 17.54 -21.75 9.82
CA TYR D 38 18.14 -21.86 8.50
C TYR D 38 19.51 -21.20 8.41
N SER D 39 20.31 -21.27 9.48
CA SER D 39 21.53 -20.50 9.55
C SER D 39 22.65 -21.10 8.70
N VAL D 40 23.00 -22.36 8.96
CA VAL D 40 24.18 -22.96 8.34
C VAL D 40 23.97 -23.15 6.84
N TYR D 41 22.71 -23.17 6.39
CA TYR D 41 22.46 -23.25 4.97
C TYR D 41 22.83 -21.95 4.28
N VAL D 42 22.50 -20.81 4.90
CA VAL D 42 22.96 -19.52 4.39
C VAL D 42 24.47 -19.45 4.42
N TYR D 43 25.08 -20.01 5.47
CA TYR D 43 26.54 -20.02 5.59
C TYR D 43 27.18 -20.83 4.46
N LYS D 44 26.62 -22.00 4.14
CA LYS D 44 27.24 -22.84 3.12
C LYS D 44 26.94 -22.31 1.71
N VAL D 45 25.82 -21.61 1.53
CA VAL D 45 25.62 -20.89 0.27
C VAL D 45 26.62 -19.75 0.14
N LEU D 46 26.96 -19.09 1.25
CA LEU D 46 28.05 -18.11 1.24
C LEU D 46 29.37 -18.75 0.85
N LYS D 47 29.64 -19.94 1.36
CA LYS D 47 30.81 -20.70 0.91
C LYS D 47 30.76 -21.01 -0.58
N GLN D 48 29.58 -21.27 -1.13
CA GLN D 48 29.48 -21.52 -2.56
C GLN D 48 29.74 -20.26 -3.38
N VAL D 49 29.23 -19.11 -2.95
CA VAL D 49 29.28 -17.94 -3.81
C VAL D 49 30.49 -17.07 -3.48
N HIS D 50 30.94 -17.04 -2.23
CA HIS D 50 32.02 -16.16 -1.81
C HIS D 50 32.84 -16.87 -0.74
N PRO D 51 33.87 -17.61 -1.15
CA PRO D 51 34.60 -18.45 -0.19
C PRO D 51 35.37 -17.67 0.87
N ASP D 52 35.61 -16.38 0.67
CA ASP D 52 36.51 -15.61 1.51
C ASP D 52 35.81 -14.79 2.59
N THR D 53 34.58 -14.35 2.37
CA THR D 53 33.98 -13.35 3.22
C THR D 53 33.11 -13.98 4.32
N GLY D 54 32.79 -13.17 5.33
CA GLY D 54 32.02 -13.60 6.46
C GLY D 54 30.71 -12.85 6.59
N ILE D 55 29.93 -13.27 7.60
CA ILE D 55 28.56 -12.80 7.79
C ILE D 55 28.31 -12.60 9.28
N SER D 56 27.58 -11.54 9.61
CA SER D 56 27.26 -11.26 11.01
C SER D 56 26.01 -12.02 11.45
N SER D 57 25.90 -12.21 12.76
CA SER D 57 24.79 -12.98 13.31
C SER D 57 23.48 -12.22 13.17
N LYS D 58 23.52 -10.89 13.25
CA LYS D 58 22.32 -10.09 13.04
C LYS D 58 21.77 -10.26 11.63
N ALA D 59 22.64 -10.18 10.63
CA ALA D 59 22.20 -10.42 9.26
C ALA D 59 21.82 -11.88 9.04
N MET D 60 22.36 -12.78 9.87
CA MET D 60 21.98 -14.18 9.76
C MET D 60 20.54 -14.40 10.22
N GLY D 61 20.17 -13.74 11.33
CA GLY D 61 18.77 -13.73 11.74
C GLY D 61 17.87 -13.04 10.73
N ILE D 62 18.38 -11.99 10.08
CA ILE D 62 17.67 -11.35 8.99
C ILE D 62 17.39 -12.34 7.87
N MET D 63 18.38 -13.17 7.54
CA MET D 63 18.16 -14.11 6.45
C MET D 63 17.23 -15.25 6.87
N ASN D 64 17.23 -15.63 8.14
CA ASN D 64 16.22 -16.60 8.59
C ASN D 64 14.81 -16.01 8.47
N SER D 65 14.66 -14.73 8.84
CA SER D 65 13.40 -14.03 8.63
C SER D 65 13.05 -13.95 7.15
N PHE D 66 14.06 -13.74 6.30
CA PHE D 66 13.84 -13.63 4.86
C PHE D 66 13.33 -14.94 4.28
N VAL D 67 13.98 -16.04 4.67
CA VAL D 67 13.57 -17.35 4.18
C VAL D 67 12.16 -17.67 4.65
N ASN D 68 11.85 -17.35 5.91
CA ASN D 68 10.49 -17.59 6.41
C ASN D 68 9.46 -16.72 5.69
N ASP D 69 9.79 -15.46 5.39
CA ASP D 69 8.85 -14.55 4.75
C ASP D 69 8.55 -14.98 3.32
N ILE D 70 9.59 -15.25 2.53
CA ILE D 70 9.38 -15.67 1.15
C ILE D 70 8.73 -17.05 1.13
N PHE D 71 9.08 -17.91 2.08
CA PHE D 71 8.45 -19.22 2.21
C PHE D 71 6.95 -19.10 2.46
N GLU D 72 6.54 -18.22 3.38
CA GLU D 72 5.12 -18.14 3.69
C GLU D 72 4.36 -17.44 2.58
N ARG D 73 4.99 -16.48 1.89
CA ARG D 73 4.34 -15.86 0.73
C ARG D 73 4.07 -16.89 -0.37
N ILE D 74 5.09 -17.67 -0.73
CA ILE D 74 4.93 -18.65 -1.79
C ILE D 74 3.98 -19.76 -1.36
N ALA D 75 4.03 -20.15 -0.08
CA ALA D 75 3.12 -21.17 0.43
C ALA D 75 1.67 -20.68 0.39
N GLY D 76 1.45 -19.42 0.77
CA GLY D 76 0.10 -18.88 0.73
C GLY D 76 -0.45 -18.78 -0.68
N GLU D 77 0.38 -18.32 -1.62
CA GLU D 77 -0.06 -18.28 -3.01
C GLU D 77 -0.29 -19.68 -3.55
N ALA D 78 0.51 -20.66 -3.11
CA ALA D 78 0.29 -22.04 -3.50
C ALA D 78 -1.04 -22.56 -2.99
N SER D 79 -1.39 -22.22 -1.74
CA SER D 79 -2.68 -22.62 -1.19
C SER D 79 -3.82 -21.97 -1.95
N ARG D 80 -3.67 -20.69 -2.32
CA ARG D 80 -4.73 -20.03 -3.08
C ARG D 80 -4.90 -20.66 -4.46
N LEU D 81 -3.81 -20.89 -5.18
CA LEU D 81 -3.91 -21.52 -6.49
C LEU D 81 -4.43 -22.95 -6.40
N ALA D 82 -4.14 -23.64 -5.31
CA ALA D 82 -4.70 -24.97 -5.10
C ALA D 82 -6.21 -24.90 -4.91
N HIS D 83 -6.66 -24.00 -4.03
CA HIS D 83 -8.09 -23.86 -3.72
C HIS D 83 -8.85 -23.41 -4.96
N TYR D 84 -8.22 -22.56 -5.77
CA TYR D 84 -8.92 -21.80 -6.80
C TYR D 84 -9.31 -22.69 -7.97
N ASN D 85 -8.50 -23.70 -8.24
CA ASN D 85 -8.82 -24.73 -9.22
C ASN D 85 -9.46 -25.95 -8.58
N LYS D 86 -9.82 -25.86 -7.29
CA LYS D 86 -10.33 -26.97 -6.49
C LYS D 86 -9.36 -28.15 -6.50
N ARG D 87 -8.08 -27.86 -6.43
CA ARG D 87 -7.03 -28.86 -6.34
C ARG D 87 -6.55 -28.95 -4.90
N SER D 88 -6.45 -30.16 -4.39
CA SER D 88 -5.99 -30.29 -3.02
C SER D 88 -4.61 -30.93 -2.91
N THR D 89 -3.85 -30.97 -4.01
CA THR D 89 -2.45 -31.38 -4.00
C THR D 89 -1.58 -30.18 -4.38
N ILE D 90 -0.59 -29.88 -3.56
CA ILE D 90 0.44 -28.92 -3.94
C ILE D 90 1.40 -29.61 -4.91
N THR D 91 1.38 -29.18 -6.15
CA THR D 91 2.22 -29.73 -7.21
C THR D 91 3.31 -28.74 -7.56
N SER D 92 4.28 -29.19 -8.36
CA SER D 92 5.37 -28.30 -8.78
C SER D 92 4.87 -27.23 -9.73
N ARG D 93 3.79 -27.51 -10.47
CA ARG D 93 3.34 -26.61 -11.52
C ARG D 93 2.82 -25.29 -10.96
N GLU D 94 1.96 -25.33 -9.94
CA GLU D 94 1.45 -24.08 -9.39
C GLU D 94 2.51 -23.37 -8.57
N ILE D 95 3.50 -24.11 -8.07
CA ILE D 95 4.68 -23.45 -7.49
C ILE D 95 5.40 -22.65 -8.56
N GLN D 96 5.53 -23.22 -9.76
CA GLN D 96 6.13 -22.50 -10.88
C GLN D 96 5.33 -21.25 -11.23
N THR D 97 4.00 -21.38 -11.26
CA THR D 97 3.15 -20.24 -11.55
C THR D 97 3.25 -19.17 -10.46
N ALA D 98 3.30 -19.57 -9.19
CA ALA D 98 3.37 -18.59 -8.12
C ALA D 98 4.74 -17.93 -8.06
N VAL D 99 5.79 -18.67 -8.41
CA VAL D 99 7.13 -18.09 -8.52
C VAL D 99 7.16 -17.05 -9.63
N ARG D 100 6.54 -17.36 -10.78
CA ARG D 100 6.35 -16.37 -11.82
C ARG D 100 5.52 -15.18 -11.32
N LEU D 101 4.56 -15.47 -10.46
CA LEU D 101 3.54 -14.49 -10.11
C LEU D 101 4.09 -13.45 -9.14
N LEU D 102 4.82 -13.90 -8.13
CA LEU D 102 5.32 -12.97 -7.10
C LEU D 102 6.63 -12.32 -7.51
N LEU D 103 7.59 -13.12 -7.96
CA LEU D 103 8.87 -12.57 -8.37
C LEU D 103 8.70 -11.78 -9.68
N PRO D 104 9.27 -10.59 -9.77
CA PRO D 104 9.18 -9.84 -11.03
C PRO D 104 10.24 -10.28 -12.03
N GLY D 105 9.79 -10.51 -13.27
CA GLY D 105 10.64 -10.58 -14.45
C GLY D 105 11.82 -11.53 -14.46
N GLU D 106 13.03 -10.96 -14.43
CA GLU D 106 14.26 -11.73 -14.57
C GLU D 106 14.43 -12.75 -13.45
N LEU D 107 14.10 -12.35 -12.20
CA LEU D 107 14.11 -13.28 -11.09
C LEU D 107 13.18 -14.45 -11.35
N ALA D 108 11.99 -14.17 -11.89
CA ALA D 108 11.02 -15.21 -12.16
C ALA D 108 11.53 -16.18 -13.23
N LYS D 109 12.05 -15.65 -14.34
CA LYS D 109 12.46 -16.54 -15.44
C LYS D 109 13.70 -17.35 -15.07
N HIS D 110 14.65 -16.74 -14.36
CA HIS D 110 15.83 -17.49 -13.95
C HIS D 110 15.49 -18.51 -12.87
N ALA D 111 14.53 -18.16 -12.00
CA ALA D 111 14.05 -19.12 -11.01
C ALA D 111 13.36 -20.30 -11.68
N VAL D 112 12.59 -20.05 -12.74
CA VAL D 112 11.98 -21.13 -13.50
C VAL D 112 13.05 -22.02 -14.12
N SER D 113 14.07 -21.41 -14.73
CA SER D 113 15.14 -22.19 -15.34
C SER D 113 15.86 -23.06 -14.32
N GLU D 114 16.27 -22.46 -13.20
CA GLU D 114 17.04 -23.18 -12.19
C GLU D 114 16.18 -24.24 -11.50
N GLY D 115 14.92 -23.93 -11.23
CA GLY D 115 14.05 -24.90 -10.58
C GLY D 115 13.71 -26.07 -11.49
N THR D 116 13.49 -25.82 -12.78
CA THR D 116 13.27 -26.90 -13.72
C THR D 116 14.53 -27.77 -13.82
N LYS D 117 15.70 -27.15 -13.83
CA LYS D 117 16.95 -27.91 -13.78
C LYS D 117 17.02 -28.78 -12.54
N ALA D 118 16.64 -28.23 -11.39
CA ALA D 118 16.67 -28.97 -10.14
C ALA D 118 15.70 -30.14 -10.14
N VAL D 119 14.49 -29.94 -10.67
CA VAL D 119 13.51 -31.02 -10.62
C VAL D 119 13.83 -32.09 -11.65
N THR D 120 14.46 -31.72 -12.78
CA THR D 120 14.94 -32.74 -13.70
C THR D 120 16.06 -33.58 -13.08
N LYS D 121 16.96 -32.96 -12.31
CA LYS D 121 17.92 -33.78 -11.57
C LYS D 121 17.25 -34.60 -10.46
N TYR D 122 16.18 -34.08 -9.86
CA TYR D 122 15.53 -34.82 -8.78
C TYR D 122 14.80 -36.05 -9.30
N THR D 123 14.11 -35.94 -10.44
CA THR D 123 13.41 -37.09 -10.99
C THR D 123 14.38 -38.12 -11.54
N SER D 124 15.59 -37.69 -11.90
CA SER D 124 16.63 -38.59 -12.37
C SER D 124 17.48 -39.16 -11.23
N ALA D 125 16.96 -39.11 -10.00
CA ALA D 125 17.62 -39.62 -8.80
C ALA D 125 19.00 -39.04 -8.57
N LYS E 38 37.64 36.77 15.31
CA LYS E 38 36.30 36.38 14.88
C LYS E 38 36.20 34.87 14.74
N PRO E 39 35.30 34.25 15.52
CA PRO E 39 35.10 32.81 15.40
C PRO E 39 34.47 32.45 14.06
N HIS E 40 34.85 31.29 13.54
CA HIS E 40 34.27 30.82 12.28
C HIS E 40 32.82 30.39 12.50
N ARG E 41 32.00 30.63 11.49
CA ARG E 41 30.61 30.19 11.53
C ARG E 41 30.19 29.83 10.12
N TYR E 42 29.73 28.60 9.94
CA TYR E 42 29.34 28.12 8.62
C TYR E 42 27.95 28.62 8.28
N ARG E 43 27.68 28.74 6.98
CA ARG E 43 26.35 29.13 6.53
C ARG E 43 25.36 28.01 6.86
N PRO E 44 24.12 28.35 7.23
CA PRO E 44 23.15 27.32 7.62
C PRO E 44 22.78 26.41 6.46
N GLY E 45 22.54 25.15 6.78
CA GLY E 45 22.30 24.12 5.80
C GLY E 45 23.54 23.35 5.41
N THR E 46 24.70 24.00 5.35
CA THR E 46 25.95 23.30 5.06
C THR E 46 26.28 22.30 6.15
N VAL E 47 26.20 22.75 7.42
CA VAL E 47 26.30 21.83 8.55
C VAL E 47 25.23 20.78 8.41
N ALA E 48 23.99 21.22 8.18
CA ALA E 48 22.83 20.32 8.15
C ALA E 48 23.01 19.23 7.10
N LEU E 49 23.49 19.60 5.91
CA LEU E 49 23.84 18.61 4.90
C LEU E 49 24.94 17.68 5.37
N ARG E 50 25.91 18.20 6.13
CA ARG E 50 26.97 17.31 6.62
C ARG E 50 26.43 16.27 7.60
N GLU E 51 25.54 16.64 8.53
CA GLU E 51 25.02 15.56 9.38
C GLU E 51 23.97 14.70 8.67
N ILE E 52 23.31 15.22 7.62
CA ILE E 52 22.53 14.33 6.74
C ILE E 52 23.41 13.23 6.19
N ARG E 53 24.57 13.61 5.64
CA ARG E 53 25.51 12.62 5.13
C ARG E 53 26.01 11.72 6.26
N ARG E 54 26.23 12.29 7.44
CA ARG E 54 26.79 11.56 8.56
C ARG E 54 25.86 10.46 9.04
N TYR E 55 24.63 10.81 9.44
CA TYR E 55 23.72 9.75 9.86
C TYR E 55 23.19 8.91 8.71
N GLN E 56 23.26 9.40 7.47
CA GLN E 56 22.75 8.59 6.38
C GLN E 56 23.73 7.52 5.95
N LYS E 57 25.04 7.77 6.09
CA LYS E 57 25.98 6.67 5.88
C LYS E 57 26.06 5.78 7.11
N SER E 58 25.49 6.24 8.23
CA SER E 58 25.51 5.48 9.46
C SER E 58 24.46 4.38 9.42
N THR E 59 24.45 3.56 10.46
CA THR E 59 23.46 2.50 10.62
C THR E 59 22.92 2.40 12.04
N GLU E 60 23.40 3.24 12.96
CA GLU E 60 23.04 3.10 14.35
C GLU E 60 21.71 3.77 14.66
N LEU E 61 21.24 3.50 15.86
CA LEU E 61 19.99 4.06 16.37
C LEU E 61 20.12 5.55 16.64
N LEU E 62 19.01 6.27 16.43
CA LEU E 62 19.01 7.72 16.67
C LEU E 62 18.25 8.14 17.92
N ILE E 63 17.17 7.47 18.27
CA ILE E 63 16.33 7.87 19.39
C ILE E 63 16.78 7.16 20.66
N ARG E 64 16.82 7.90 21.77
CA ARG E 64 17.26 7.38 23.05
C ARG E 64 16.32 6.28 23.53
N LYS E 65 16.88 5.17 24.00
CA LYS E 65 16.09 3.97 24.21
C LYS E 65 15.28 4.04 25.51
N LEU E 66 15.79 4.72 26.54
CA LEU E 66 15.07 4.73 27.80
C LEU E 66 13.83 5.64 27.85
N PRO E 67 13.87 6.92 27.39
CA PRO E 67 12.60 7.68 27.37
C PRO E 67 11.57 7.07 26.45
N PHE E 68 12.03 6.53 25.32
CA PHE E 68 11.11 5.89 24.39
C PHE E 68 10.53 4.61 25.00
N GLN E 69 11.34 3.87 25.76
CA GLN E 69 10.86 2.65 26.39
C GLN E 69 9.87 2.98 27.49
N ARG E 70 10.08 4.11 28.17
CA ARG E 70 9.08 4.64 29.10
C ARG E 70 7.79 4.97 28.37
N LEU E 71 7.90 5.55 27.17
CA LEU E 71 6.72 5.85 26.36
C LEU E 71 5.99 4.57 25.96
N VAL E 72 6.74 3.51 25.66
CA VAL E 72 6.13 2.23 25.30
C VAL E 72 5.35 1.66 26.48
N ARG E 73 5.94 1.70 27.69
CA ARG E 73 5.18 1.26 28.86
C ARG E 73 3.97 2.14 29.12
N GLU E 74 4.09 3.45 28.87
CA GLU E 74 2.97 4.37 29.10
C GLU E 74 1.82 4.07 28.14
N ILE E 75 2.12 3.83 26.87
CA ILE E 75 1.05 3.59 25.89
C ILE E 75 0.49 2.18 26.06
N ALA E 76 1.29 1.27 26.60
CA ALA E 76 0.76 -0.07 26.90
C ALA E 76 -0.11 -0.04 28.14
N GLN E 77 0.15 0.89 29.05
CA GLN E 77 -0.52 0.95 30.34
C GLN E 77 -2.02 1.21 30.23
N ASP E 78 -2.45 2.00 29.25
CA ASP E 78 -3.86 2.39 29.14
C ASP E 78 -4.77 1.28 28.65
N PHE E 79 -4.23 0.14 28.23
CA PHE E 79 -5.04 -0.98 27.78
C PHE E 79 -5.09 -2.11 28.80
N LYS E 80 -3.93 -2.55 29.29
CA LYS E 80 -3.87 -3.58 30.33
C LYS E 80 -2.77 -3.18 31.30
N THR E 81 -3.01 -3.41 32.59
CA THR E 81 -2.00 -3.11 33.59
C THR E 81 -1.00 -4.26 33.70
N ASP E 82 0.16 -3.93 34.29
CA ASP E 82 1.21 -4.89 34.65
C ASP E 82 1.74 -5.62 33.42
N LEU E 83 2.22 -4.87 32.43
CA LEU E 83 2.88 -5.50 31.28
C LEU E 83 4.38 -5.50 31.45
N ARG E 84 5.02 -6.51 30.89
CA ARG E 84 6.46 -6.65 30.92
C ARG E 84 6.99 -6.70 29.49
N PHE E 85 8.22 -6.22 29.30
CA PHE E 85 8.77 -6.06 27.97
C PHE E 85 10.14 -6.70 27.88
N GLN E 86 10.32 -7.57 26.90
CA GLN E 86 11.66 -8.02 26.54
C GLN E 86 12.44 -6.84 25.98
N SER E 87 13.73 -6.78 26.30
CA SER E 87 14.56 -5.68 25.82
C SER E 87 14.66 -5.70 24.30
N SER E 88 14.85 -6.89 23.72
CA SER E 88 14.86 -7.01 22.28
C SER E 88 13.51 -6.67 21.67
N ALA E 89 12.42 -6.91 22.39
CA ALA E 89 11.08 -6.58 21.89
C ALA E 89 10.89 -5.07 21.76
N VAL E 90 11.23 -4.33 22.81
CA VAL E 90 11.06 -2.89 22.75
C VAL E 90 12.07 -2.28 21.78
N MET E 91 13.25 -2.90 21.64
CA MET E 91 14.16 -2.46 20.58
C MET E 91 13.56 -2.68 19.20
N ALA E 92 12.96 -3.85 18.95
CA ALA E 92 12.40 -4.13 17.64
C ALA E 92 11.26 -3.18 17.30
N LEU E 93 10.40 -2.91 18.29
CA LEU E 93 9.40 -1.85 18.14
C LEU E 93 10.06 -0.50 17.88
N GLN E 94 11.26 -0.30 18.44
CA GLN E 94 11.91 0.99 18.24
C GLN E 94 12.39 1.15 16.80
N GLU E 95 13.07 0.15 16.20
CA GLU E 95 13.44 0.31 14.79
C GLU E 95 12.21 0.35 13.89
N ALA E 96 11.12 -0.32 14.29
CA ALA E 96 9.87 -0.12 13.58
C ALA E 96 9.43 1.34 13.62
N SER E 97 9.61 1.98 14.78
CA SER E 97 9.25 3.39 14.94
C SER E 97 10.06 4.29 14.03
N GLU E 98 11.40 4.18 14.05
CA GLU E 98 12.11 5.11 13.15
C GLU E 98 11.96 4.68 11.71
N ALA E 99 11.62 3.42 11.44
CA ALA E 99 11.37 3.00 10.07
C ALA E 99 10.16 3.73 9.49
N TYR E 100 9.04 3.67 10.21
CA TYR E 100 7.85 4.37 9.75
C TYR E 100 8.08 5.88 9.71
N LEU E 101 8.80 6.41 10.70
CA LEU E 101 9.06 7.84 10.74
C LEU E 101 9.94 8.29 9.57
N VAL E 102 11.00 7.54 9.25
CA VAL E 102 11.89 7.99 8.19
C VAL E 102 11.21 7.85 6.84
N GLY E 103 10.37 6.81 6.67
CA GLY E 103 9.65 6.64 5.42
C GLY E 103 8.66 7.76 5.19
N LEU E 104 7.90 8.11 6.24
CA LEU E 104 7.08 9.31 6.21
C LEU E 104 7.92 10.55 5.94
N PHE E 105 9.18 10.56 6.38
CA PHE E 105 10.00 11.74 6.13
C PHE E 105 10.46 11.87 4.68
N GLU E 106 10.81 10.80 3.96
CA GLU E 106 11.10 11.07 2.54
C GLU E 106 9.81 11.35 1.79
N ASP E 107 8.69 10.81 2.27
CA ASP E 107 7.39 11.17 1.70
C ASP E 107 7.14 12.66 1.81
N THR E 108 7.32 13.22 3.01
CA THR E 108 7.11 14.65 3.20
C THR E 108 8.21 15.48 2.54
N ASN E 109 9.40 14.90 2.37
CA ASN E 109 10.47 15.62 1.67
C ASN E 109 10.11 15.80 0.20
N LEU E 110 9.59 14.73 -0.42
CA LEU E 110 9.10 14.85 -1.79
C LEU E 110 7.92 15.82 -1.88
N ALA E 111 7.04 15.79 -0.87
CA ALA E 111 5.93 16.73 -0.83
C ALA E 111 6.41 18.17 -0.71
N ALA E 112 7.47 18.40 0.05
CA ALA E 112 7.98 19.75 0.27
C ALA E 112 8.71 20.28 -0.96
N ILE E 113 9.49 19.43 -1.61
CA ILE E 113 10.18 19.89 -2.82
C ILE E 113 9.19 19.99 -3.98
N HIS E 114 8.03 19.33 -3.85
CA HIS E 114 6.98 19.46 -4.85
C HIS E 114 6.47 20.90 -4.90
N ALA E 115 6.31 21.52 -3.74
CA ALA E 115 5.82 22.89 -3.64
C ALA E 115 6.91 23.93 -3.80
N LYS E 116 8.03 23.57 -4.42
CA LYS E 116 9.19 24.45 -4.66
C LYS E 116 9.78 24.99 -3.37
N ARG E 117 9.67 24.24 -2.28
CA ARG E 117 10.16 24.67 -0.97
C ARG E 117 11.18 23.68 -0.43
N VAL E 118 11.95 24.15 0.55
CA VAL E 118 12.79 23.27 1.35
C VAL E 118 12.34 23.20 2.79
N THR E 119 11.48 24.10 3.25
CA THR E 119 10.95 24.08 4.59
C THR E 119 9.79 23.09 4.68
N ILE E 120 9.80 22.26 5.72
CA ILE E 120 8.74 21.30 5.93
C ILE E 120 7.67 21.92 6.82
N MET E 121 6.41 21.68 6.48
CA MET E 121 5.28 22.14 7.28
C MET E 121 4.36 20.95 7.55
N PRO E 122 3.60 20.99 8.66
CA PRO E 122 2.73 19.85 9.00
C PRO E 122 1.64 19.57 7.98
N LYS E 123 1.30 20.56 7.16
CA LYS E 123 0.39 20.35 6.04
C LYS E 123 0.95 19.34 5.05
N ASP E 124 2.28 19.32 4.87
CA ASP E 124 2.93 18.27 4.08
C ASP E 124 2.74 16.90 4.73
N ILE E 125 2.84 16.85 6.06
CA ILE E 125 2.67 15.59 6.79
C ILE E 125 1.24 15.08 6.62
N GLN E 126 0.28 15.99 6.69
CA GLN E 126 -1.12 15.63 6.47
C GLN E 126 -1.34 15.10 5.07
N LEU E 127 -0.69 15.73 4.08
CA LEU E 127 -0.73 15.21 2.71
C LEU E 127 -0.18 13.80 2.64
N ALA E 128 0.96 13.56 3.28
CA ALA E 128 1.62 12.25 3.22
C ALA E 128 0.77 11.18 3.89
N ARG E 129 0.13 11.53 5.00
CA ARG E 129 -0.76 10.59 5.67
C ARG E 129 -1.99 10.31 4.82
N ARG E 130 -2.51 11.31 4.11
CA ARG E 130 -3.73 11.09 3.35
C ARG E 130 -3.45 10.27 2.09
N ILE E 131 -2.32 10.50 1.43
CA ILE E 131 -1.96 9.67 0.28
C ILE E 131 -1.59 8.25 0.72
N ARG E 132 -1.00 8.10 1.91
CA ARG E 132 -0.61 6.78 2.35
C ARG E 132 -1.80 5.91 2.72
N GLY E 133 -2.94 6.52 3.00
CA GLY E 133 -4.11 5.76 3.41
C GLY E 133 -4.20 5.54 4.90
N GLU E 134 -4.18 6.62 5.69
CA GLU E 134 -3.96 6.51 7.12
C GLU E 134 -4.51 7.72 7.85
N LYS F 21 4.60 5.61 39.86
CA LYS F 21 4.23 4.36 39.21
C LYS F 21 3.62 4.61 37.83
N VAL F 22 2.52 5.38 37.81
CA VAL F 22 1.88 5.71 36.54
C VAL F 22 2.69 6.78 35.81
N LEU F 23 2.47 6.88 34.51
CA LEU F 23 3.20 7.81 33.65
C LEU F 23 2.20 8.71 32.94
N ARG F 24 2.56 9.98 32.78
CA ARG F 24 1.66 10.96 32.20
C ARG F 24 2.23 11.68 30.99
N ASP F 25 3.51 12.04 31.03
CA ASP F 25 4.12 12.81 29.93
C ASP F 25 5.45 12.16 29.50
N ASN F 26 5.35 11.20 28.59
CA ASN F 26 6.51 10.63 27.95
C ASN F 26 6.63 11.01 26.48
N ILE F 27 5.60 11.66 25.92
CA ILE F 27 5.68 12.10 24.53
C ILE F 27 6.67 13.25 24.40
N GLN F 28 6.92 13.98 25.49
CA GLN F 28 8.02 14.94 25.52
C GLN F 28 9.38 14.26 25.63
N GLY F 29 9.42 12.98 25.98
CA GLY F 29 10.68 12.25 26.04
C GLY F 29 11.30 11.95 24.69
N ILE F 30 10.53 12.12 23.62
CA ILE F 30 11.07 12.00 22.25
C ILE F 30 11.48 13.41 21.86
N THR F 31 12.75 13.72 22.06
CA THR F 31 13.18 15.11 22.13
C THR F 31 13.35 15.74 20.76
N LYS F 32 13.50 17.06 20.78
CA LYS F 32 13.64 17.89 19.57
C LYS F 32 14.83 17.53 18.68
N PRO F 33 16.08 17.45 19.18
CA PRO F 33 17.16 17.11 18.24
C PRO F 33 17.11 15.68 17.74
N ALA F 34 16.46 14.77 18.48
CA ALA F 34 16.30 13.42 17.98
C ALA F 34 15.36 13.38 16.78
N ILE F 35 14.24 14.10 16.85
CA ILE F 35 13.35 14.27 15.70
C ILE F 35 14.10 14.94 14.56
N ARG F 36 14.95 15.92 14.89
CA ARG F 36 15.76 16.56 13.86
C ARG F 36 16.67 15.56 13.16
N ARG F 37 17.37 14.74 13.92
CA ARG F 37 18.28 13.75 13.35
C ARG F 37 17.54 12.70 12.54
N LEU F 38 16.31 12.36 12.95
CA LEU F 38 15.46 11.51 12.13
C LEU F 38 15.14 12.18 10.80
N ALA F 39 14.89 13.49 10.82
CA ALA F 39 14.64 14.21 9.58
C ALA F 39 15.89 14.28 8.69
N ARG F 40 17.08 14.33 9.31
CA ARG F 40 18.31 14.13 8.54
C ARG F 40 18.37 12.74 7.92
N ARG F 41 17.91 11.72 8.65
CA ARG F 41 17.86 10.39 8.04
C ARG F 41 16.83 10.35 6.92
N GLY F 42 15.77 11.14 7.03
CA GLY F 42 14.87 11.34 5.91
C GLY F 42 15.36 12.33 4.88
N GLY F 43 16.50 12.98 5.12
CA GLY F 43 17.03 13.95 4.18
C GLY F 43 16.38 15.31 4.24
N VAL F 44 15.68 15.64 5.31
CA VAL F 44 15.02 16.93 5.44
C VAL F 44 16.05 17.95 5.88
N LYS F 45 16.09 19.09 5.20
CA LYS F 45 17.10 20.11 5.49
C LYS F 45 16.74 20.96 6.70
N ARG F 46 15.64 21.71 6.65
CA ARG F 46 15.30 22.66 7.68
C ARG F 46 13.88 22.38 8.15
N ILE F 47 13.66 22.41 9.47
CA ILE F 47 12.47 21.86 10.10
C ILE F 47 11.78 22.96 10.88
N SER F 48 10.51 23.19 10.59
CA SER F 48 9.74 24.22 11.28
C SER F 48 9.38 23.78 12.69
N GLY F 49 8.94 24.75 13.49
CA GLY F 49 8.55 24.47 14.86
C GLY F 49 7.29 23.63 15.01
N LEU F 50 6.30 23.85 14.14
CA LEU F 50 5.03 23.12 14.23
C LEU F 50 5.14 21.67 13.79
N ILE F 51 6.28 21.27 13.22
CA ILE F 51 6.53 19.88 12.83
C ILE F 51 6.45 18.96 14.02
N TYR F 52 7.00 19.40 15.16
CA TYR F 52 7.42 18.50 16.23
C TYR F 52 6.24 17.78 16.86
N GLU F 53 5.20 18.52 17.23
CA GLU F 53 4.04 17.90 17.85
C GLU F 53 3.26 17.04 16.85
N GLU F 54 3.33 17.37 15.56
CA GLU F 54 2.68 16.53 14.55
C GLU F 54 3.39 15.18 14.42
N THR F 55 4.73 15.20 14.41
CA THR F 55 5.46 13.93 14.42
C THR F 55 5.22 13.16 15.71
N ARG F 56 5.12 13.86 16.85
CA ARG F 56 4.78 13.20 18.10
C ARG F 56 3.43 12.52 18.02
N GLY F 57 2.45 13.21 17.43
CA GLY F 57 1.11 12.63 17.30
C GLY F 57 1.08 11.43 16.38
N VAL F 58 1.72 11.51 15.22
CA VAL F 58 1.64 10.40 14.28
C VAL F 58 2.47 9.22 14.79
N LEU F 59 3.55 9.51 15.52
CA LEU F 59 4.25 8.48 16.27
C LEU F 59 3.34 7.82 17.28
N LYS F 60 2.56 8.62 18.02
CA LYS F 60 1.66 8.08 19.02
C LYS F 60 0.62 7.17 18.39
N VAL F 61 0.06 7.59 17.24
CA VAL F 61 -0.97 6.81 16.55
C VAL F 61 -0.40 5.48 16.05
N PHE F 62 0.75 5.52 15.38
CA PHE F 62 1.37 4.30 14.87
C PHE F 62 1.71 3.34 16.00
N LEU F 63 2.31 3.87 17.08
CA LEU F 63 2.68 3.03 18.21
C LEU F 63 1.47 2.45 18.90
N GLU F 64 0.39 3.22 19.10
CA GLU F 64 -0.76 2.66 19.80
C GLU F 64 -1.45 1.62 18.95
N ASN F 65 -1.48 1.84 17.63
CA ASN F 65 -2.11 0.88 16.72
C ASN F 65 -1.34 -0.44 16.72
N VAL F 66 -0.01 -0.39 16.79
CA VAL F 66 0.73 -1.64 16.80
C VAL F 66 0.71 -2.29 18.18
N ILE F 67 0.72 -1.49 19.25
CA ILE F 67 0.89 -2.11 20.57
C ILE F 67 -0.45 -2.69 21.02
N ARG F 68 -1.56 -2.13 20.54
CA ARG F 68 -2.87 -2.72 20.80
C ARG F 68 -2.96 -4.11 20.18
N ASP F 69 -2.50 -4.21 18.94
CA ASP F 69 -2.48 -5.51 18.27
C ASP F 69 -1.56 -6.48 19.00
N ALA F 70 -0.40 -5.98 19.46
CA ALA F 70 0.55 -6.82 20.19
C ALA F 70 -0.03 -7.31 21.51
N VAL F 71 -0.73 -6.44 22.24
CA VAL F 71 -1.25 -6.86 23.53
C VAL F 71 -2.43 -7.80 23.33
N THR F 72 -3.16 -7.68 22.22
CA THR F 72 -4.17 -8.71 21.92
C THR F 72 -3.52 -10.04 21.57
N TYR F 73 -2.36 -10.01 20.91
CA TYR F 73 -1.60 -11.25 20.70
C TYR F 73 -1.17 -11.87 22.03
N THR F 74 -0.71 -11.04 22.96
CA THR F 74 -0.29 -11.56 24.25
C THR F 74 -1.46 -12.09 25.06
N GLU F 75 -2.62 -11.41 25.00
CA GLU F 75 -3.82 -11.90 25.67
C GLU F 75 -4.30 -13.21 25.05
N HIS F 76 -4.10 -13.38 23.75
CA HIS F 76 -4.29 -14.71 23.17
C HIS F 76 -3.29 -15.69 23.73
N ALA F 77 -2.05 -15.26 23.93
CA ALA F 77 -1.01 -16.12 24.48
C ALA F 77 -1.20 -16.40 25.96
N LYS F 78 -2.12 -15.68 26.62
CA LYS F 78 -2.28 -15.68 28.08
C LYS F 78 -1.00 -15.29 28.79
N ARG F 79 -0.23 -14.41 28.17
CA ARG F 79 1.11 -14.05 28.63
C ARG F 79 1.14 -12.58 29.01
N LYS F 80 1.70 -12.29 30.18
CA LYS F 80 1.74 -10.94 30.70
C LYS F 80 2.97 -10.17 30.23
N THR F 81 3.76 -10.74 29.32
CA THR F 81 4.97 -10.11 28.82
C THR F 81 4.83 -9.87 27.32
N VAL F 82 5.17 -8.67 26.88
CA VAL F 82 5.22 -8.41 25.44
C VAL F 82 6.51 -9.00 24.89
N THR F 83 6.38 -9.87 23.90
CA THR F 83 7.52 -10.53 23.29
C THR F 83 7.81 -9.95 21.92
N ALA F 84 9.05 -10.14 21.47
CA ALA F 84 9.46 -9.64 20.16
C ALA F 84 8.72 -10.37 19.04
N MET F 85 8.35 -11.63 19.29
CA MET F 85 7.65 -12.42 18.29
C MET F 85 6.34 -11.77 17.90
N ASP F 86 5.56 -11.34 18.88
CA ASP F 86 4.26 -10.76 18.59
C ASP F 86 4.39 -9.35 18.03
N VAL F 87 5.49 -8.66 18.36
CA VAL F 87 5.73 -7.34 17.75
C VAL F 87 6.00 -7.50 16.26
N VAL F 88 6.89 -8.43 15.90
CA VAL F 88 7.16 -8.70 14.49
C VAL F 88 5.90 -9.19 13.79
N TYR F 89 5.09 -9.96 14.52
CA TYR F 89 3.90 -10.57 13.94
C TYR F 89 2.83 -9.53 13.64
N ALA F 90 2.63 -8.59 14.57
CA ALA F 90 1.64 -7.53 14.41
C ALA F 90 2.10 -6.52 13.36
N LEU F 91 3.40 -6.23 13.31
CA LEU F 91 3.90 -5.39 12.22
C LEU F 91 3.80 -6.10 10.88
N LYS F 92 3.89 -7.43 10.86
CA LYS F 92 3.63 -8.18 9.64
C LYS F 92 2.18 -8.04 9.20
N ARG F 93 1.25 -8.14 10.15
CA ARG F 93 -0.16 -8.00 9.81
C ARG F 93 -0.49 -6.59 9.35
N GLN F 94 0.19 -5.58 9.90
CA GLN F 94 -0.11 -4.20 9.56
C GLN F 94 0.61 -3.77 8.27
N GLY F 95 1.20 -4.73 7.55
CA GLY F 95 1.80 -4.45 6.26
C GLY F 95 3.19 -3.87 6.31
N ARG F 96 3.82 -3.88 7.49
CA ARG F 96 5.14 -3.30 7.71
C ARG F 96 6.05 -4.31 8.39
N THR F 97 6.12 -5.52 7.81
CA THR F 97 6.91 -6.60 8.39
C THR F 97 8.37 -6.21 8.46
N LEU F 98 9.03 -6.65 9.54
CA LEU F 98 10.35 -6.14 9.90
C LEU F 98 11.31 -7.33 9.92
N TYR F 99 12.52 -7.09 9.43
CA TYR F 99 13.54 -8.10 9.33
C TYR F 99 14.59 -7.90 10.41
N GLY F 100 14.98 -8.98 11.07
CA GLY F 100 16.03 -8.93 12.07
C GLY F 100 15.61 -9.32 13.47
N PHE F 101 14.36 -9.69 13.70
CA PHE F 101 13.93 -10.09 15.03
C PHE F 101 13.05 -11.32 15.02
N GLY F 102 12.76 -11.89 13.85
CA GLY F 102 12.06 -13.15 13.80
C GLY F 102 12.90 -14.27 14.36
N GLY F 103 12.29 -15.08 15.21
CA GLY F 103 13.00 -16.15 15.89
C GLY F 103 13.89 -15.67 17.03
N ALA G 28 -38.25 -42.47 16.38
CA ALA G 28 -37.04 -43.24 16.10
C ALA G 28 -35.80 -42.37 16.24
N ARG G 29 -35.78 -41.25 15.50
CA ARG G 29 -34.66 -40.32 15.54
C ARG G 29 -35.20 -38.93 15.83
N ALA G 30 -34.32 -38.07 16.34
CA ALA G 30 -34.72 -36.74 16.78
C ALA G 30 -35.17 -35.88 15.59
N LYS G 31 -36.06 -34.93 15.89
CA LYS G 31 -36.58 -34.04 14.87
C LYS G 31 -35.47 -33.08 14.41
N ALA G 32 -35.43 -32.84 13.10
CA ALA G 32 -34.34 -32.04 12.53
C ALA G 32 -34.49 -30.57 12.91
N LYS G 33 -33.42 -30.02 13.49
CA LYS G 33 -33.38 -28.63 13.91
C LYS G 33 -31.99 -28.10 13.58
N THR G 34 -31.91 -27.07 12.75
CA THR G 34 -30.62 -26.56 12.35
C THR G 34 -29.95 -25.79 13.48
N ARG G 35 -28.62 -25.78 13.47
CA ARG G 35 -27.88 -25.18 14.56
C ARG G 35 -27.97 -23.66 14.54
N SER G 36 -28.22 -23.08 13.36
CA SER G 36 -28.45 -21.65 13.28
C SER G 36 -29.71 -21.25 14.04
N SER G 37 -30.75 -22.09 13.97
CA SER G 37 -31.98 -21.81 14.71
C SER G 37 -31.79 -21.96 16.21
N ARG G 38 -31.03 -22.97 16.64
CA ARG G 38 -30.73 -23.13 18.06
C ARG G 38 -29.90 -21.96 18.58
N ALA G 39 -28.96 -21.49 17.76
CA ALA G 39 -28.30 -20.24 18.04
C ALA G 39 -29.23 -19.04 17.89
N GLY G 40 -30.23 -19.12 17.02
CA GLY G 40 -31.06 -17.98 16.72
C GLY G 40 -30.43 -17.02 15.73
N LEU G 41 -29.59 -17.54 14.84
CA LEU G 41 -28.84 -16.73 13.90
C LEU G 41 -29.24 -17.11 12.48
N GLN G 42 -29.00 -16.22 11.52
CA GLN G 42 -29.56 -16.34 10.18
C GLN G 42 -28.62 -16.98 9.16
N PHE G 43 -27.34 -16.60 9.13
CA PHE G 43 -26.43 -17.28 8.21
C PHE G 43 -26.21 -18.73 8.63
N PRO G 44 -26.01 -19.64 7.67
CA PRO G 44 -25.90 -21.07 8.00
C PRO G 44 -24.58 -21.38 8.67
N VAL G 45 -24.67 -21.73 9.96
CA VAL G 45 -23.48 -22.06 10.72
C VAL G 45 -22.87 -23.36 10.21
N GLY G 46 -23.71 -24.31 9.79
CA GLY G 46 -23.20 -25.53 9.22
C GLY G 46 -22.41 -25.33 7.94
N ARG G 47 -22.88 -24.42 7.07
CA ARG G 47 -22.20 -24.17 5.81
C ARG G 47 -20.84 -23.51 6.03
N VAL G 48 -20.77 -22.49 6.89
CA VAL G 48 -19.49 -21.84 7.15
C VAL G 48 -18.56 -22.78 7.91
N HIS G 49 -19.13 -23.67 8.74
CA HIS G 49 -18.34 -24.68 9.41
C HIS G 49 -17.71 -25.64 8.39
N ARG G 50 -18.48 -26.07 7.40
CA ARG G 50 -17.95 -26.89 6.31
C ARG G 50 -16.89 -26.14 5.52
N LEU G 51 -17.12 -24.84 5.29
CA LEU G 51 -16.18 -24.05 4.50
C LEU G 51 -14.86 -23.84 5.24
N LEU G 52 -14.92 -23.74 6.57
CA LEU G 52 -13.70 -23.72 7.36
C LEU G 52 -13.04 -25.09 7.39
N ARG G 53 -13.82 -26.17 7.33
CA ARG G 53 -13.23 -27.50 7.26
C ARG G 53 -12.46 -27.71 5.96
N LYS G 54 -13.02 -27.26 4.84
CA LYS G 54 -12.37 -27.47 3.54
C LYS G 54 -11.53 -26.30 3.09
N GLY G 55 -11.40 -25.24 3.87
CA GLY G 55 -10.45 -24.20 3.54
C GLY G 55 -9.02 -24.53 3.94
N ASN G 56 -8.83 -25.61 4.71
CA ASN G 56 -7.57 -25.99 5.34
C ASN G 56 -6.93 -24.83 6.09
N TYR G 57 -7.73 -24.12 6.86
CA TYR G 57 -7.21 -23.07 7.73
C TYR G 57 -6.89 -23.62 9.11
N SER G 58 -7.26 -24.87 9.36
CA SER G 58 -6.84 -25.59 10.55
C SER G 58 -6.96 -27.07 10.25
N GLU G 59 -6.26 -27.87 11.04
CA GLU G 59 -6.51 -29.31 11.01
C GLU G 59 -7.78 -29.66 11.76
N ARG G 60 -8.10 -28.92 12.81
CA ARG G 60 -9.07 -29.33 13.82
C ARG G 60 -9.87 -28.09 14.16
N VAL G 61 -11.20 -28.20 14.22
CA VAL G 61 -12.03 -27.00 14.34
C VAL G 61 -13.00 -27.15 15.52
N GLY G 62 -13.09 -26.11 16.35
CA GLY G 62 -13.96 -26.14 17.50
C GLY G 62 -15.40 -25.83 17.16
N ALA G 63 -16.29 -26.14 18.11
CA ALA G 63 -17.73 -26.04 17.86
C ALA G 63 -18.22 -24.60 17.88
N GLY G 64 -17.74 -23.79 18.83
CA GLY G 64 -18.27 -22.45 18.99
C GLY G 64 -17.78 -21.43 17.98
N ALA G 65 -16.64 -21.69 17.34
CA ALA G 65 -16.07 -20.74 16.39
C ALA G 65 -16.95 -20.44 15.18
N PRO G 66 -17.58 -21.42 14.49
CA PRO G 66 -18.48 -21.03 13.40
C PRO G 66 -19.70 -20.24 13.86
N VAL G 67 -20.26 -20.54 15.03
CA VAL G 67 -21.37 -19.76 15.57
C VAL G 67 -20.93 -18.33 15.80
N TYR G 68 -19.75 -18.16 16.39
CA TYR G 68 -19.20 -16.86 16.68
C TYR G 68 -18.98 -16.06 15.40
N LEU G 69 -18.38 -16.70 14.40
CA LEU G 69 -18.13 -16.06 13.11
C LEU G 69 -19.43 -15.68 12.43
N ALA G 70 -20.43 -16.55 12.51
CA ALA G 70 -21.73 -16.25 11.90
C ALA G 70 -22.36 -15.03 12.55
N ALA G 71 -22.28 -14.93 13.87
CA ALA G 71 -22.84 -13.77 14.57
C ALA G 71 -22.12 -12.48 14.18
N VAL G 72 -20.78 -12.55 14.04
CA VAL G 72 -20.02 -11.38 13.62
C VAL G 72 -20.44 -10.92 12.23
N LEU G 73 -20.55 -11.86 11.28
CA LEU G 73 -20.98 -11.49 9.93
C LEU G 73 -22.41 -10.97 9.92
N GLU G 74 -23.28 -11.49 10.80
CA GLU G 74 -24.64 -10.94 10.86
C GLU G 74 -24.65 -9.51 11.34
N TYR G 75 -23.81 -9.17 12.33
CA TYR G 75 -23.80 -7.78 12.78
C TYR G 75 -23.26 -6.85 11.71
N LEU G 76 -22.19 -7.26 11.01
CA LEU G 76 -21.66 -6.44 9.93
C LEU G 76 -22.68 -6.26 8.81
N THR G 77 -23.33 -7.35 8.39
CA THR G 77 -24.36 -7.23 7.35
C THR G 77 -25.54 -6.40 7.83
N ALA G 78 -25.92 -6.54 9.10
CA ALA G 78 -27.05 -5.79 9.63
C ALA G 78 -26.77 -4.29 9.63
N GLU G 79 -25.57 -3.90 10.05
CA GLU G 79 -25.27 -2.47 10.09
C GLU G 79 -25.11 -1.90 8.68
N ILE G 80 -24.50 -2.67 7.77
CA ILE G 80 -24.30 -2.11 6.43
C ILE G 80 -25.62 -2.04 5.68
N LEU G 81 -26.53 -2.98 5.93
CA LEU G 81 -27.85 -2.89 5.31
C LEU G 81 -28.73 -1.83 5.96
N GLU G 82 -28.60 -1.55 7.25
CA GLU G 82 -29.42 -0.47 7.78
C GLU G 82 -28.91 0.88 7.29
N LEU G 83 -27.58 1.01 7.13
CA LEU G 83 -27.03 2.20 6.50
C LEU G 83 -27.49 2.33 5.06
N ALA G 84 -27.49 1.21 4.32
CA ALA G 84 -27.97 1.23 2.94
C ALA G 84 -29.46 1.53 2.86
N GLY G 85 -30.24 1.05 3.83
CA GLY G 85 -31.66 1.32 3.84
C GLY G 85 -31.98 2.78 4.12
N ASN G 86 -31.24 3.40 5.05
CA ASN G 86 -31.42 4.83 5.28
C ASN G 86 -30.92 5.64 4.07
N ALA G 87 -29.88 5.15 3.39
CA ALA G 87 -29.42 5.82 2.17
C ALA G 87 -30.48 5.73 1.07
N ALA G 88 -31.12 4.57 0.93
CA ALA G 88 -32.14 4.40 -0.09
C ALA G 88 -33.40 5.19 0.25
N ARG G 89 -33.75 5.27 1.54
CA ARG G 89 -34.87 6.09 1.97
C ARG G 89 -34.58 7.57 1.75
N ASP G 90 -33.30 7.96 1.88
CA ASP G 90 -32.89 9.31 1.51
C ASP G 90 -33.05 9.56 0.02
N ASN G 91 -32.75 8.57 -0.82
CA ASN G 91 -32.85 8.71 -2.26
C ASN G 91 -34.26 8.33 -2.72
N LYS G 92 -35.16 8.06 -1.75
CA LYS G 92 -36.57 7.66 -1.94
C LYS G 92 -36.75 6.55 -2.97
N LYS G 93 -35.78 5.66 -3.06
CA LYS G 93 -35.88 4.43 -3.83
C LYS G 93 -36.02 3.26 -2.88
N THR G 94 -36.95 2.36 -3.17
CA THR G 94 -37.23 1.27 -2.25
C THR G 94 -36.20 0.16 -2.32
N ARG G 95 -35.42 0.08 -3.40
CA ARG G 95 -34.53 -1.04 -3.63
C ARG G 95 -33.08 -0.58 -3.58
N ILE G 96 -32.22 -1.45 -3.06
CA ILE G 96 -30.81 -1.10 -2.89
C ILE G 96 -30.10 -1.14 -4.22
N ILE G 97 -29.38 -0.08 -4.55
CA ILE G 97 -28.56 0.02 -5.75
C ILE G 97 -27.13 0.04 -5.21
N PRO G 98 -26.12 -0.39 -5.96
CA PRO G 98 -24.74 -0.26 -5.46
C PRO G 98 -24.27 1.16 -5.16
N ARG G 99 -24.93 2.18 -5.72
CA ARG G 99 -24.65 3.55 -5.29
C ARG G 99 -24.98 3.74 -3.82
N HIS G 100 -26.12 3.20 -3.37
CA HIS G 100 -26.47 3.25 -1.96
C HIS G 100 -25.44 2.51 -1.11
N LEU G 101 -24.96 1.37 -1.60
CA LEU G 101 -24.02 0.58 -0.82
C LEU G 101 -22.67 1.28 -0.72
N GLN G 102 -22.24 1.94 -1.79
CA GLN G 102 -21.01 2.73 -1.75
C GLN G 102 -21.14 3.91 -0.80
N LEU G 103 -22.27 4.62 -0.86
CA LEU G 103 -22.50 5.73 0.06
C LEU G 103 -22.54 5.26 1.50
N ALA G 104 -23.09 4.08 1.74
CA ALA G 104 -23.15 3.54 3.09
C ALA G 104 -21.76 3.15 3.59
N ILE G 105 -20.98 2.47 2.75
CA ILE G 105 -19.70 1.92 3.21
C ILE G 105 -18.64 3.03 3.32
N ARG G 106 -18.87 4.16 2.63
CA ARG G 106 -17.83 5.18 2.65
C ARG G 106 -18.16 6.34 3.59
N ASN G 107 -19.43 6.52 3.96
CA ASN G 107 -19.78 7.57 4.91
C ASN G 107 -19.55 7.17 6.36
N ASP G 108 -19.15 5.93 6.63
CA ASP G 108 -18.77 5.52 7.97
C ASP G 108 -17.27 5.40 8.02
N GLU G 109 -16.65 6.17 8.91
CA GLU G 109 -15.18 6.20 9.00
C GLU G 109 -14.62 4.87 9.45
N GLU G 110 -15.37 4.15 10.28
CA GLU G 110 -14.86 2.91 10.86
C GLU G 110 -14.94 1.75 9.87
N LEU G 111 -16.03 1.66 9.11
CA LEU G 111 -16.06 0.71 8.00
C LEU G 111 -15.10 1.13 6.89
N ASN G 112 -14.86 2.44 6.76
CA ASN G 112 -13.84 2.91 5.82
C ASN G 112 -12.47 2.39 6.22
N LYS G 113 -12.17 2.41 7.52
CA LYS G 113 -10.92 1.80 7.98
C LYS G 113 -10.95 0.29 7.79
N LEU G 114 -12.14 -0.32 7.87
CA LEU G 114 -12.22 -1.76 7.67
C LEU G 114 -12.10 -2.14 6.20
N LEU G 115 -12.62 -1.30 5.31
CA LEU G 115 -12.63 -1.58 3.87
C LEU G 115 -11.97 -0.47 3.05
N GLY G 116 -10.74 -0.10 3.40
CA GLY G 116 -10.11 1.05 2.77
C GLY G 116 -9.75 0.84 1.31
N ARG G 117 -9.11 -0.28 0.99
CA ARG G 117 -8.49 -0.49 -0.31
C ARG G 117 -9.40 -1.22 -1.29
N VAL G 118 -10.70 -1.00 -1.20
CA VAL G 118 -11.65 -1.69 -2.07
C VAL G 118 -12.55 -0.68 -2.78
N THR G 119 -12.93 -0.99 -4.01
CA THR G 119 -13.91 -0.21 -4.76
C THR G 119 -15.09 -1.12 -5.11
N ILE G 120 -16.30 -0.58 -4.98
CA ILE G 120 -17.52 -1.32 -5.27
C ILE G 120 -17.85 -1.10 -6.74
N ALA G 121 -18.18 -2.18 -7.44
CA ALA G 121 -18.58 -2.08 -8.84
C ALA G 121 -19.86 -1.28 -8.99
N GLN G 122 -19.85 -0.35 -9.94
CA GLN G 122 -20.91 0.65 -10.13
C GLN G 122 -21.22 1.42 -8.86
N GLY G 123 -20.19 1.70 -8.05
CA GLY G 123 -20.38 2.35 -6.78
C GLY G 123 -20.32 3.86 -6.85
N GLY G 124 -19.42 4.38 -7.67
CA GLY G 124 -19.20 5.82 -7.62
C GLY G 124 -18.39 6.18 -6.38
N VAL G 125 -18.50 7.45 -6.00
CA VAL G 125 -17.74 7.98 -4.88
C VAL G 125 -18.63 8.99 -4.15
N LEU G 126 -18.24 9.31 -2.93
CA LEU G 126 -18.98 10.29 -2.13
C LEU G 126 -18.87 11.67 -2.77
N PRO G 127 -19.83 12.56 -2.51
CA PRO G 127 -19.67 13.97 -2.92
C PRO G 127 -18.49 14.60 -2.18
N ASN G 128 -17.43 14.87 -2.93
CA ASN G 128 -16.20 15.42 -2.36
C ASN G 128 -15.70 16.49 -3.31
N ILE G 129 -15.93 17.75 -2.96
CA ILE G 129 -15.45 18.88 -3.72
C ILE G 129 -14.66 19.76 -2.75
N GLN G 130 -13.47 20.17 -3.16
CA GLN G 130 -12.60 20.92 -2.27
C GLN G 130 -12.93 22.41 -2.35
N ALA G 131 -12.71 23.11 -1.24
CA ALA G 131 -13.17 24.49 -1.11
C ALA G 131 -12.45 25.43 -2.05
N VAL G 132 -11.21 25.10 -2.43
CA VAL G 132 -10.49 25.91 -3.41
C VAL G 132 -11.11 25.80 -4.79
N LEU G 133 -11.79 24.69 -5.10
CA LEU G 133 -12.46 24.55 -6.38
C LEU G 133 -13.73 25.37 -6.48
N LEU G 134 -14.34 25.71 -5.35
CA LEU G 134 -15.56 26.52 -5.39
C LEU G 134 -15.22 27.96 -5.75
N PRO G 135 -16.12 28.64 -6.46
CA PRO G 135 -15.85 30.04 -6.82
C PRO G 135 -15.92 30.96 -5.61
N LYS G 136 -15.46 32.19 -5.82
CA LYS G 136 -15.40 33.25 -4.79
C LYS G 136 -14.62 32.82 -3.55
N LYS H 31 -28.79 -29.80 -18.31
CA LYS H 31 -28.26 -30.16 -16.99
C LYS H 31 -27.22 -29.16 -16.54
N ARG H 32 -27.38 -28.66 -15.32
CA ARG H 32 -26.49 -27.65 -14.75
C ARG H 32 -25.96 -28.13 -13.41
N SER H 33 -24.97 -27.39 -12.90
CA SER H 33 -24.40 -27.64 -11.59
C SER H 33 -24.77 -26.49 -10.66
N ARG H 34 -25.37 -26.81 -9.52
CA ARG H 34 -25.79 -25.78 -8.57
C ARG H 34 -24.58 -25.13 -7.94
N LYS H 35 -24.60 -23.80 -7.84
CA LYS H 35 -23.52 -23.04 -7.25
C LYS H 35 -23.97 -22.51 -5.90
N GLU H 36 -23.17 -22.74 -4.87
CA GLU H 36 -23.51 -22.31 -3.52
C GLU H 36 -23.35 -20.80 -3.39
N SER H 37 -24.17 -20.21 -2.53
CA SER H 37 -24.15 -18.77 -2.27
C SER H 37 -24.80 -18.52 -0.93
N TYR H 38 -24.89 -17.24 -0.57
CA TYR H 38 -25.52 -16.83 0.67
C TYR H 38 -26.72 -15.92 0.45
N SER H 39 -27.52 -16.17 -0.59
CA SER H 39 -28.49 -15.19 -1.06
C SER H 39 -29.67 -15.04 -0.10
N VAL H 40 -30.37 -16.15 0.18
CA VAL H 40 -31.60 -16.10 0.95
C VAL H 40 -31.33 -15.66 2.39
N TYR H 41 -30.12 -15.91 2.88
CA TYR H 41 -29.80 -15.52 4.25
C TYR H 41 -29.67 -14.00 4.37
N VAL H 42 -29.00 -13.37 3.41
CA VAL H 42 -28.91 -11.92 3.37
C VAL H 42 -30.29 -11.31 3.13
N TYR H 43 -31.12 -11.99 2.32
CA TYR H 43 -32.50 -11.54 2.16
C TYR H 43 -33.27 -11.57 3.47
N LYS H 44 -33.07 -12.63 4.27
CA LYS H 44 -33.70 -12.72 5.59
C LYS H 44 -33.20 -11.62 6.52
N VAL H 45 -31.90 -11.32 6.46
CA VAL H 45 -31.33 -10.26 7.28
C VAL H 45 -31.94 -8.91 6.89
N LEU H 46 -32.09 -8.68 5.58
CA LEU H 46 -32.73 -7.46 5.10
C LEU H 46 -34.16 -7.34 5.59
N LYS H 47 -34.94 -8.43 5.48
CA LYS H 47 -36.32 -8.39 5.94
C LYS H 47 -36.42 -8.25 7.46
N GLN H 48 -35.42 -8.72 8.20
CA GLN H 48 -35.37 -8.45 9.63
C GLN H 48 -35.11 -6.98 9.92
N VAL H 49 -34.21 -6.35 9.15
CA VAL H 49 -33.86 -4.97 9.46
C VAL H 49 -34.78 -4.00 8.73
N HIS H 50 -35.32 -4.39 7.57
CA HIS H 50 -36.20 -3.54 6.79
C HIS H 50 -37.18 -4.42 6.02
N PRO H 51 -38.41 -4.55 6.53
CA PRO H 51 -39.39 -5.43 5.86
C PRO H 51 -39.79 -4.99 4.46
N ASP H 52 -39.77 -3.69 4.19
CA ASP H 52 -40.38 -3.15 2.97
C ASP H 52 -39.38 -2.67 1.92
N THR H 53 -38.13 -3.07 1.99
CA THR H 53 -37.11 -2.59 1.06
C THR H 53 -36.62 -3.71 0.16
N GLY H 54 -36.21 -3.35 -1.06
CA GLY H 54 -35.66 -4.30 -2.00
C GLY H 54 -34.16 -4.16 -2.20
N ILE H 55 -33.67 -4.88 -3.19
CA ILE H 55 -32.24 -4.91 -3.56
C ILE H 55 -32.13 -5.06 -5.06
N SER H 56 -30.95 -4.73 -5.58
CA SER H 56 -30.58 -5.13 -6.93
C SER H 56 -29.78 -6.43 -6.90
N SER H 57 -29.78 -7.15 -8.02
CA SER H 57 -29.01 -8.39 -8.09
C SER H 57 -27.51 -8.11 -8.16
N LYS H 58 -27.14 -6.97 -8.73
CA LYS H 58 -25.73 -6.59 -8.77
C LYS H 58 -25.20 -6.30 -7.37
N ALA H 59 -25.95 -5.54 -6.59
CA ALA H 59 -25.56 -5.32 -5.19
C ALA H 59 -25.68 -6.61 -4.38
N MET H 60 -26.53 -7.54 -4.82
CA MET H 60 -26.58 -8.83 -4.17
C MET H 60 -25.29 -9.63 -4.42
N GLY H 61 -24.77 -9.58 -5.64
CA GLY H 61 -23.47 -10.17 -5.89
C GLY H 61 -22.37 -9.47 -5.11
N ILE H 62 -22.49 -8.13 -4.95
CA ILE H 62 -21.58 -7.38 -4.09
C ILE H 62 -21.59 -7.94 -2.68
N MET H 63 -22.77 -8.20 -2.13
CA MET H 63 -22.85 -8.72 -0.76
C MET H 63 -22.38 -10.15 -0.63
N ASN H 64 -22.67 -11.00 -1.61
CA ASN H 64 -22.18 -12.38 -1.53
C ASN H 64 -20.66 -12.42 -1.56
N SER H 65 -20.08 -11.64 -2.47
CA SER H 65 -18.63 -11.46 -2.47
C SER H 65 -18.14 -10.80 -1.18
N PHE H 66 -18.96 -9.93 -0.57
CA PHE H 66 -18.56 -9.27 0.67
C PHE H 66 -18.45 -10.26 1.82
N VAL H 67 -19.45 -11.13 1.94
CA VAL H 67 -19.43 -12.15 2.99
C VAL H 67 -18.26 -13.09 2.76
N ASN H 68 -18.02 -13.49 1.51
CA ASN H 68 -16.89 -14.37 1.22
C ASN H 68 -15.55 -13.72 1.54
N ASP H 69 -15.39 -12.44 1.21
CA ASP H 69 -14.13 -11.74 1.43
C ASP H 69 -13.85 -11.51 2.92
N ILE H 70 -14.85 -11.03 3.66
CA ILE H 70 -14.65 -10.82 5.09
C ILE H 70 -14.44 -12.14 5.81
N PHE H 71 -15.14 -13.19 5.37
CA PHE H 71 -14.91 -14.52 5.89
C PHE H 71 -13.48 -14.98 5.64
N GLU H 72 -12.96 -14.70 4.44
CA GLU H 72 -11.60 -15.12 4.11
C GLU H 72 -10.58 -14.36 4.94
N ARG H 73 -10.81 -13.06 5.17
CA ARG H 73 -9.91 -12.27 6.01
C ARG H 73 -9.87 -12.81 7.43
N ILE H 74 -11.04 -12.96 8.05
CA ILE H 74 -11.11 -13.40 9.44
C ILE H 74 -10.55 -14.81 9.58
N ALA H 75 -10.87 -15.67 8.62
CA ALA H 75 -10.44 -17.06 8.69
C ALA H 75 -8.95 -17.20 8.45
N GLY H 76 -8.38 -16.38 7.56
CA GLY H 76 -6.94 -16.39 7.38
C GLY H 76 -6.20 -15.88 8.59
N GLU H 77 -6.74 -14.85 9.25
CA GLU H 77 -6.17 -14.39 10.50
C GLU H 77 -6.22 -15.48 11.56
N ALA H 78 -7.32 -16.22 11.61
CA ALA H 78 -7.44 -17.31 12.58
C ALA H 78 -6.47 -18.44 12.27
N SER H 79 -6.26 -18.74 10.98
CA SER H 79 -5.29 -19.76 10.59
C SER H 79 -3.89 -19.36 11.01
N ARG H 80 -3.54 -18.09 10.81
CA ARG H 80 -2.24 -17.60 11.25
C ARG H 80 -2.10 -17.69 12.76
N LEU H 81 -3.14 -17.27 13.50
CA LEU H 81 -3.08 -17.32 14.96
C LEU H 81 -2.99 -18.76 15.47
N ALA H 82 -3.58 -19.71 14.74
CA ALA H 82 -3.44 -21.11 15.11
C ALA H 82 -2.01 -21.59 14.91
N HIS H 83 -1.41 -21.26 13.76
CA HIS H 83 -0.05 -21.76 13.47
C HIS H 83 1.00 -21.07 14.33
N TYR H 84 0.69 -19.88 14.86
CA TYR H 84 1.70 -19.14 15.61
C TYR H 84 2.04 -19.81 16.94
N ASN H 85 1.04 -20.06 17.77
CA ASN H 85 1.29 -20.58 19.10
C ASN H 85 1.20 -22.10 19.16
N LYS H 86 1.47 -22.77 18.04
CA LYS H 86 1.62 -24.23 17.95
C LYS H 86 0.33 -24.96 18.30
N ARG H 87 -0.80 -24.29 18.13
CA ARG H 87 -2.11 -24.88 18.36
C ARG H 87 -2.67 -25.40 17.04
N SER H 88 -2.94 -26.71 17.00
CA SER H 88 -3.50 -27.31 15.80
C SER H 88 -5.02 -27.21 15.74
N THR H 89 -5.64 -26.52 16.70
CA THR H 89 -7.08 -26.40 16.78
C THR H 89 -7.47 -24.94 16.78
N ILE H 90 -8.31 -24.54 15.83
CA ILE H 90 -8.88 -23.20 15.82
C ILE H 90 -9.98 -23.13 16.87
N THR H 91 -9.96 -22.08 17.68
CA THR H 91 -10.91 -21.90 18.77
C THR H 91 -11.65 -20.58 18.62
N SER H 92 -12.82 -20.51 19.24
CA SER H 92 -13.59 -19.28 19.25
C SER H 92 -12.87 -18.15 19.99
N ARG H 93 -11.99 -18.50 20.92
CA ARG H 93 -11.16 -17.49 21.59
C ARG H 93 -10.26 -16.78 20.58
N GLU H 94 -9.61 -17.53 19.71
CA GLU H 94 -8.73 -16.85 18.75
C GLU H 94 -9.51 -16.24 17.60
N ILE H 95 -10.75 -16.71 17.38
CA ILE H 95 -11.66 -15.96 16.53
C ILE H 95 -11.93 -14.60 17.14
N GLN H 96 -12.11 -14.56 18.47
CA GLN H 96 -12.34 -13.29 19.16
C GLN H 96 -11.13 -12.37 19.05
N THR H 97 -9.94 -12.94 19.17
CA THR H 97 -8.74 -12.13 19.01
C THR H 97 -8.64 -11.60 17.59
N ALA H 98 -8.99 -12.43 16.59
CA ALA H 98 -8.96 -11.99 15.20
C ALA H 98 -9.98 -10.89 14.93
N VAL H 99 -11.18 -11.01 15.51
CA VAL H 99 -12.20 -9.98 15.34
C VAL H 99 -11.76 -8.67 15.98
N ARG H 100 -11.19 -8.75 17.19
CA ARG H 100 -10.66 -7.56 17.84
C ARG H 100 -9.46 -7.01 17.07
N LEU H 101 -8.75 -7.90 16.36
CA LEU H 101 -7.59 -7.50 15.57
C LEU H 101 -7.99 -6.71 14.33
N LEU H 102 -8.76 -7.32 13.44
CA LEU H 102 -9.08 -6.71 12.15
C LEU H 102 -10.08 -5.57 12.29
N LEU H 103 -11.10 -5.74 13.10
CA LEU H 103 -12.14 -4.73 13.21
C LEU H 103 -11.71 -3.65 14.18
N PRO H 104 -11.60 -2.39 13.74
CA PRO H 104 -11.19 -1.32 14.66
C PRO H 104 -12.38 -0.81 15.46
N GLY H 105 -12.11 -0.42 16.70
CA GLY H 105 -13.06 0.34 17.50
C GLY H 105 -14.38 -0.31 17.88
N GLU H 106 -15.46 0.38 17.51
CA GLU H 106 -16.79 0.07 18.05
C GLU H 106 -17.35 -1.25 17.52
N LEU H 107 -17.02 -1.59 16.26
CA LEU H 107 -17.48 -2.84 15.68
C LEU H 107 -16.98 -4.04 16.46
N ALA H 108 -15.76 -3.95 17.01
CA ALA H 108 -15.20 -5.05 17.76
C ALA H 108 -16.00 -5.34 19.03
N LYS H 109 -16.31 -4.29 19.79
CA LYS H 109 -17.03 -4.48 21.05
C LYS H 109 -18.47 -4.93 20.79
N HIS H 110 -19.12 -4.36 19.76
CA HIS H 110 -20.41 -4.93 19.38
C HIS H 110 -20.31 -6.39 18.99
N ALA H 111 -19.36 -6.73 18.13
CA ALA H 111 -19.24 -8.08 17.58
C ALA H 111 -19.02 -9.10 18.67
N VAL H 112 -18.14 -8.79 19.63
CA VAL H 112 -17.92 -9.71 20.74
C VAL H 112 -19.16 -9.80 21.61
N SER H 113 -19.95 -8.71 21.70
CA SER H 113 -21.18 -8.79 22.47
C SER H 113 -22.19 -9.80 21.88
N GLU H 114 -22.51 -9.68 20.58
CA GLU H 114 -23.53 -10.62 20.07
C GLU H 114 -22.96 -12.01 20.02
N GLY H 115 -21.65 -12.13 19.80
CA GLY H 115 -21.06 -13.44 19.69
C GLY H 115 -21.04 -14.19 21.00
N THR H 116 -20.72 -13.50 22.10
CA THR H 116 -20.80 -14.14 23.41
C THR H 116 -22.22 -14.54 23.77
N LYS H 117 -23.20 -13.64 23.53
CA LYS H 117 -24.55 -14.05 23.87
C LYS H 117 -25.06 -15.16 22.95
N ALA H 118 -24.58 -15.18 21.69
CA ALA H 118 -24.97 -16.22 20.75
C ALA H 118 -24.37 -17.56 21.13
N VAL H 119 -23.11 -17.59 21.54
CA VAL H 119 -22.51 -18.88 21.89
C VAL H 119 -23.04 -19.38 23.22
N THR H 120 -23.42 -18.48 24.14
CA THR H 120 -24.06 -18.93 25.36
C THR H 120 -25.44 -19.51 25.06
N LYS H 121 -26.17 -18.90 24.10
CA LYS H 121 -27.42 -19.48 23.65
C LYS H 121 -27.22 -20.84 23.01
N TYR H 122 -26.15 -20.99 22.21
CA TYR H 122 -25.85 -22.27 21.58
C TYR H 122 -25.52 -23.34 22.61
N THR H 123 -24.74 -22.98 23.64
CA THR H 123 -24.40 -23.96 24.68
C THR H 123 -25.60 -24.27 25.56
N SER H 124 -26.53 -23.32 25.69
CA SER H 124 -27.72 -23.55 26.49
C SER H 124 -28.75 -24.43 25.79
N ALA H 125 -28.58 -24.71 24.51
CA ALA H 125 -29.52 -25.55 23.77
C ALA H 125 -28.80 -26.28 22.64
N SER K 35 32.00 53.04 -24.79
CA SER K 35 31.26 53.48 -23.58
C SER K 35 29.80 53.02 -23.66
N GLY K 36 28.93 53.83 -24.26
CA GLY K 36 27.49 53.48 -24.36
C GLY K 36 26.66 54.21 -23.34
N PRO K 37 25.43 54.66 -23.68
CA PRO K 37 24.55 55.33 -22.72
C PRO K 37 24.17 54.42 -21.54
N PRO K 38 24.18 54.84 -20.22
CA PRO K 38 23.71 53.94 -19.16
C PRO K 38 22.24 53.58 -19.31
N VAL K 39 21.80 52.67 -18.44
CA VAL K 39 20.52 51.98 -18.60
C VAL K 39 19.34 52.92 -18.37
N SER K 40 19.55 54.01 -17.63
CA SER K 40 18.44 54.88 -17.20
C SER K 40 17.76 55.55 -18.39
N GLU K 41 18.54 56.02 -19.37
CA GLU K 41 17.95 56.59 -20.58
C GLU K 41 17.17 55.54 -21.37
N LEU K 42 17.68 54.31 -21.39
CA LEU K 42 16.97 53.22 -22.04
C LEU K 42 15.63 52.93 -21.34
N ILE K 43 15.60 53.07 -20.02
CA ILE K 43 14.36 52.82 -19.29
C ILE K 43 13.37 53.97 -19.51
N THR K 44 13.87 55.20 -19.63
CA THR K 44 12.99 56.32 -19.98
C THR K 44 12.39 56.13 -21.37
N LYS K 45 13.20 55.67 -22.34
CA LYS K 45 12.65 55.36 -23.65
C LYS K 45 11.69 54.17 -23.59
N ALA K 46 11.95 53.21 -22.69
CA ALA K 46 11.05 52.06 -22.55
C ALA K 46 9.70 52.48 -21.99
N VAL K 47 9.68 53.37 -21.01
CA VAL K 47 8.40 53.81 -20.44
C VAL K 47 7.70 54.79 -21.37
N ALA K 48 8.47 55.47 -22.23
CA ALA K 48 7.86 56.34 -23.23
C ALA K 48 7.47 55.62 -24.52
N ALA K 49 7.87 54.36 -24.69
CA ALA K 49 7.61 53.64 -25.93
C ALA K 49 6.13 53.33 -26.12
N SER K 50 5.45 52.92 -25.06
CA SER K 50 4.05 52.48 -25.21
C SER K 50 3.09 53.52 -24.63
N LYS K 51 3.29 53.87 -23.37
CA LYS K 51 2.50 54.86 -22.63
C LYS K 51 1.00 54.51 -22.65
N GLU K 52 0.71 53.27 -22.27
CA GLU K 52 -0.66 52.90 -22.01
C GLU K 52 -1.09 53.44 -20.63
N ARG K 53 -2.38 53.24 -20.31
CA ARG K 53 -2.97 53.95 -19.18
C ARG K 53 -2.34 53.55 -17.85
N SER K 54 -2.12 52.26 -17.64
CA SER K 54 -1.40 51.78 -16.48
C SER K 54 0.10 51.93 -16.71
N GLY K 55 0.88 51.67 -15.67
CA GLY K 55 2.33 51.74 -15.80
C GLY K 55 2.89 50.58 -16.61
N VAL K 56 4.12 50.73 -17.12
CA VAL K 56 4.76 49.62 -17.80
C VAL K 56 5.37 48.68 -16.77
N SER K 57 5.32 47.38 -17.05
CA SER K 57 5.70 46.39 -16.07
C SER K 57 7.20 46.08 -16.14
N LEU K 58 7.67 45.34 -15.13
CA LEU K 58 9.07 44.92 -15.09
C LEU K 58 9.39 43.97 -16.23
N ALA K 59 8.49 43.02 -16.51
CA ALA K 59 8.71 42.08 -17.61
C ALA K 59 8.70 42.79 -18.95
N ALA K 60 7.80 43.77 -19.11
CA ALA K 60 7.72 44.51 -20.36
C ALA K 60 8.98 45.36 -20.58
N LEU K 61 9.51 45.98 -19.51
CA LEU K 61 10.73 46.75 -19.69
C LEU K 61 11.95 45.86 -19.93
N LYS K 62 11.98 44.68 -19.30
CA LYS K 62 13.05 43.72 -19.60
C LYS K 62 13.01 43.27 -21.05
N LYS K 63 11.82 42.97 -21.57
CA LYS K 63 11.69 42.56 -22.96
C LYS K 63 11.96 43.74 -23.91
N ALA K 64 11.66 44.96 -23.47
CA ALA K 64 11.99 46.14 -24.27
C ALA K 64 13.50 46.34 -24.35
N LEU K 65 14.21 46.11 -23.24
CA LEU K 65 15.66 46.17 -23.28
C LEU K 65 16.24 45.06 -24.14
N ALA K 66 15.61 43.87 -24.10
CA ALA K 66 16.06 42.77 -24.96
C ALA K 66 15.85 43.09 -26.43
N ALA K 67 14.71 43.70 -26.77
CA ALA K 67 14.43 44.04 -28.17
C ALA K 67 15.31 45.17 -28.66
N ALA K 68 15.51 46.22 -27.85
CA ALA K 68 16.39 47.30 -28.22
C ALA K 68 17.86 46.86 -28.19
N GLY K 69 18.17 45.84 -27.40
CA GLY K 69 19.51 45.30 -27.32
C GLY K 69 20.18 45.58 -25.99
N TYR K 70 20.14 44.59 -25.10
CA TYR K 70 20.74 44.69 -23.77
C TYR K 70 20.86 43.30 -23.19
N ASP K 71 21.90 43.10 -22.38
CA ASP K 71 22.10 41.84 -21.65
C ASP K 71 21.29 41.92 -20.37
N VAL K 72 20.03 41.50 -20.46
CA VAL K 72 19.13 41.57 -19.32
C VAL K 72 19.39 40.41 -18.36
N GLU K 73 20.13 39.39 -18.81
CA GLU K 73 20.32 38.19 -18.02
C GLU K 73 21.21 38.45 -16.80
N LYS K 74 22.30 39.18 -16.99
CA LYS K 74 23.27 39.38 -15.92
C LYS K 74 23.11 40.73 -15.23
N ASN K 75 22.04 41.47 -15.51
CA ASN K 75 21.88 42.82 -14.99
C ASN K 75 20.58 42.98 -14.19
N ASN K 76 20.11 41.91 -13.54
CA ASN K 76 18.89 42.01 -12.76
C ASN K 76 19.07 42.91 -11.53
N SER K 77 20.20 42.77 -10.83
CA SER K 77 20.51 43.68 -9.74
C SER K 77 20.68 45.10 -10.26
N ARG K 78 21.29 45.23 -11.44
CA ARG K 78 21.48 46.54 -12.07
C ARG K 78 20.14 47.21 -12.37
N ILE K 79 19.19 46.47 -12.98
CA ILE K 79 17.93 47.10 -13.34
C ILE K 79 17.11 47.39 -12.08
N LYS K 80 17.24 46.54 -11.05
CA LYS K 80 16.56 46.81 -9.78
C LYS K 80 17.08 48.11 -9.14
N LEU K 81 18.40 48.25 -9.03
CA LEU K 81 18.96 49.47 -8.44
C LEU K 81 18.69 50.69 -9.31
N GLY K 82 18.71 50.53 -10.63
CA GLY K 82 18.43 51.65 -11.51
C GLY K 82 16.99 52.14 -11.40
N LEU K 83 16.04 51.20 -11.36
CA LEU K 83 14.64 51.59 -11.24
C LEU K 83 14.37 52.22 -9.87
N LYS K 84 14.98 51.67 -8.81
CA LYS K 84 14.81 52.26 -7.48
C LYS K 84 15.43 53.66 -7.42
N SER K 85 16.59 53.84 -8.05
CA SER K 85 17.24 55.14 -8.07
C SER K 85 16.41 56.16 -8.83
N LEU K 86 15.82 55.76 -9.96
CA LEU K 86 15.04 56.73 -10.74
C LEU K 86 13.70 57.05 -10.08
N VAL K 87 13.07 56.07 -9.41
CA VAL K 87 11.81 56.39 -8.75
C VAL K 87 12.07 57.20 -7.48
N SER K 88 13.28 57.09 -6.89
CA SER K 88 13.59 57.89 -5.72
C SER K 88 13.73 59.37 -6.08
N LYS K 89 14.19 59.67 -7.30
CA LYS K 89 14.26 61.05 -7.75
C LYS K 89 12.91 61.64 -8.07
N GLY K 90 11.88 60.81 -8.27
CA GLY K 90 10.57 61.29 -8.64
C GLY K 90 10.38 61.56 -10.12
N THR K 91 11.36 61.25 -10.96
CA THR K 91 11.20 61.40 -12.41
C THR K 91 10.18 60.41 -12.96
N LEU K 92 10.05 59.26 -12.32
CA LEU K 92 9.03 58.28 -12.63
C LEU K 92 8.39 57.82 -11.32
N VAL K 93 7.09 57.56 -11.37
CA VAL K 93 6.30 57.28 -10.18
C VAL K 93 5.74 55.86 -10.26
N GLN K 94 5.49 55.27 -9.09
CA GLN K 94 4.99 53.91 -8.99
C GLN K 94 3.46 53.92 -9.04
N THR K 95 2.90 53.03 -9.85
CA THR K 95 1.44 52.95 -9.96
C THR K 95 0.84 52.09 -8.85
N LYS K 96 1.16 50.79 -8.86
CA LYS K 96 0.50 49.84 -7.97
C LYS K 96 1.45 49.12 -7.02
N GLY K 97 2.58 48.61 -7.51
CA GLY K 97 3.37 47.66 -6.77
C GLY K 97 4.21 48.30 -5.67
N THR K 98 5.04 47.45 -5.06
CA THR K 98 5.94 47.86 -4.00
C THR K 98 7.36 47.43 -4.35
N GLY K 99 8.31 48.36 -4.23
CA GLY K 99 9.68 48.06 -4.56
C GLY K 99 9.86 47.89 -6.05
N ALA K 100 10.54 46.81 -6.44
CA ALA K 100 10.78 46.54 -7.85
C ALA K 100 9.60 45.89 -8.55
N SER K 101 8.58 45.45 -7.80
CA SER K 101 7.43 44.82 -8.40
C SER K 101 6.39 45.88 -8.81
N GLY K 102 5.45 45.44 -9.64
CA GLY K 102 4.37 46.31 -10.07
C GLY K 102 4.62 46.92 -11.44
N SER K 103 3.96 48.06 -11.67
CA SER K 103 4.00 48.75 -12.95
C SER K 103 4.50 50.17 -12.74
N PHE K 104 5.11 50.72 -13.79
CA PHE K 104 5.90 51.93 -13.70
C PHE K 104 5.46 52.93 -14.76
N LYS K 105 5.14 54.16 -14.35
CA LYS K 105 4.70 55.20 -15.27
C LYS K 105 5.36 56.54 -14.93
N LEU K 106 5.53 57.36 -15.96
CA LEU K 106 6.30 58.59 -15.84
C LEU K 106 5.56 59.64 -15.01
N ASN K 107 6.24 60.75 -14.75
CA ASN K 107 5.80 61.75 -13.80
C ASN K 107 4.63 62.58 -14.37
N LYS K 108 4.20 63.57 -13.58
CA LYS K 108 3.15 64.49 -14.01
C LYS K 108 3.59 65.31 -15.20
N LYS K 109 4.83 65.80 -15.18
CA LYS K 109 5.35 66.64 -16.26
C LYS K 109 6.75 66.20 -16.67
#